data_1RGV
# 
_entry.id   1RGV 
# 
_audit_conform.dict_name       mmcif_pdbx.dic 
_audit_conform.dict_version    5.376 
_audit_conform.dict_location   http://mmcif.pdb.org/dictionaries/ascii/mmcif_pdbx.dic 
# 
loop_
_database_2.database_id 
_database_2.database_code 
_database_2.pdbx_database_accession 
_database_2.pdbx_DOI 
PDB   1RGV         pdb_00001rgv 10.2210/pdb1rgv/pdb 
RCSB  RCSB020734   ?            ?                   
WWPDB D_1000020734 ?            ?                   
# 
_pdbx_database_status.status_code                     REL 
_pdbx_database_status.entry_id                        1RGV 
_pdbx_database_status.recvd_initial_deposition_date   2003-11-13 
_pdbx_database_status.deposit_site                    RCSB 
_pdbx_database_status.process_site                    RCSB 
_pdbx_database_status.status_code_sf                  REL 
_pdbx_database_status.SG_entry                        . 
_pdbx_database_status.pdb_format_compatible           Y 
_pdbx_database_status.status_code_mr                  ? 
_pdbx_database_status.status_code_cs                  ? 
_pdbx_database_status.status_code_nmr_data            ? 
_pdbx_database_status.methods_development_category    ? 
# 
loop_
_audit_author.name 
_audit_author.pdbx_ordinal 
'Unciuleac, M.' 1 
'Boll, M.'      2 
'Warkentin, E.' 3 
'Ermler, U.'    4 
# 
_citation.id                        primary 
_citation.title                     
'Crystallization of 4-hydroxybenzoyl-CoA reductase and the structure of its electron donor ferredoxin.' 
_citation.journal_abbrev            'Acta Crystallogr.,Sect.D' 
_citation.journal_volume            60 
_citation.page_first                388 
_citation.page_last                 391 
_citation.year                      2004 
_citation.journal_id_ASTM           ABCRE6 
_citation.country                   DK 
_citation.journal_id_ISSN           0907-4449 
_citation.journal_id_CSD            0766 
_citation.book_publisher            ? 
_citation.pdbx_database_id_PubMed   14747735 
_citation.pdbx_database_id_DOI      10.1107/S0907444903028506 
# 
loop_
_citation_author.citation_id 
_citation_author.name 
_citation_author.ordinal 
_citation_author.identifier_ORCID 
primary 'Unciuleac, M.' 1 ? 
primary 'Boll, M.'      2 ? 
primary 'Warkentin, E.' 3 ? 
primary 'Ermler, U.'    4 ? 
# 
_cell.entry_id           1RGV 
_cell.length_a           79.000 
_cell.length_b           79.000 
_cell.length_c           49.300 
_cell.angle_alpha        90.00 
_cell.angle_beta         90.00 
_cell.angle_gamma        120.00 
_cell.Z_PDB              6 
_cell.pdbx_unique_axis   ? 
# 
_symmetry.entry_id                         1RGV 
_symmetry.space_group_name_H-M             'P 31 2 1' 
_symmetry.pdbx_full_space_group_name_H-M   ? 
_symmetry.cell_setting                     ? 
_symmetry.Int_Tables_number                152 
# 
loop_
_entity.id 
_entity.type 
_entity.src_method 
_entity.pdbx_description 
_entity.formula_weight 
_entity.pdbx_number_of_molecules 
_entity.pdbx_ec 
_entity.pdbx_mutation 
_entity.pdbx_fragment 
_entity.details 
1 polymer     nat ferredoxin            8963.895 1 ? ? ? ? 
2 non-polymer syn 'IRON/SULFUR CLUSTER' 351.640  2 ? ? ? ? 
# 
_entity_poly.entity_id                      1 
_entity_poly.type                           'polypeptide(L)' 
_entity_poly.nstd_linkage                   no 
_entity_poly.nstd_monomer                   no 
_entity_poly.pdbx_seq_one_letter_code       ALYINDDCTACDACVEECPNEAITPGDPIYVIDPTKCSECVGAFDEPQCRLVCPADCIPDNPDYRETREELQEKYDRLHG 
_entity_poly.pdbx_seq_one_letter_code_can   ALYINDDCTACDACVEECPNEAITPGDPIYVIDPTKCSECVGAFDEPQCRLVCPADCIPDNPDYRETREELQEKYDRLHG 
_entity_poly.pdbx_strand_id                 A 
_entity_poly.pdbx_target_identifier         ? 
# 
loop_
_entity_poly_seq.entity_id 
_entity_poly_seq.num 
_entity_poly_seq.mon_id 
_entity_poly_seq.hetero 
1 1  ALA n 
1 2  LEU n 
1 3  TYR n 
1 4  ILE n 
1 5  ASN n 
1 6  ASP n 
1 7  ASP n 
1 8  CYS n 
1 9  THR n 
1 10 ALA n 
1 11 CYS n 
1 12 ASP n 
1 13 ALA n 
1 14 CYS n 
1 15 VAL n 
1 16 GLU n 
1 17 GLU n 
1 18 CYS n 
1 19 PRO n 
1 20 ASN n 
1 21 GLU n 
1 22 ALA n 
1 23 ILE n 
1 24 THR n 
1 25 PRO n 
1 26 GLY n 
1 27 ASP n 
1 28 PRO n 
1 29 ILE n 
1 30 TYR n 
1 31 VAL n 
1 32 ILE n 
1 33 ASP n 
1 34 PRO n 
1 35 THR n 
1 36 LYS n 
1 37 CYS n 
1 38 SER n 
1 39 GLU n 
1 40 CYS n 
1 41 VAL n 
1 42 GLY n 
1 43 ALA n 
1 44 PHE n 
1 45 ASP n 
1 46 GLU n 
1 47 PRO n 
1 48 GLN n 
1 49 CYS n 
1 50 ARG n 
1 51 LEU n 
1 52 VAL n 
1 53 CYS n 
1 54 PRO n 
1 55 ALA n 
1 56 ASP n 
1 57 CYS n 
1 58 ILE n 
1 59 PRO n 
1 60 ASP n 
1 61 ASN n 
1 62 PRO n 
1 63 ASP n 
1 64 TYR n 
1 65 ARG n 
1 66 GLU n 
1 67 THR n 
1 68 ARG n 
1 69 GLU n 
1 70 GLU n 
1 71 LEU n 
1 72 GLN n 
1 73 GLU n 
1 74 LYS n 
1 75 TYR n 
1 76 ASP n 
1 77 ARG n 
1 78 LEU n 
1 79 HIS n 
1 80 GLY n 
# 
_entity_src_nat.entity_id                  1 
_entity_src_nat.pdbx_src_id                1 
_entity_src_nat.pdbx_alt_source_flag       sample 
_entity_src_nat.pdbx_beg_seq_num           ? 
_entity_src_nat.pdbx_end_seq_num           ? 
_entity_src_nat.common_name                ? 
_entity_src_nat.pdbx_organism_scientific   'Thauera aromatica' 
_entity_src_nat.pdbx_ncbi_taxonomy_id      44139 
_entity_src_nat.genus                      Thauera 
_entity_src_nat.species                    'Thauera aromatica' 
_entity_src_nat.strain                     K172 
_entity_src_nat.tissue                     ? 
_entity_src_nat.tissue_fraction            ? 
_entity_src_nat.pdbx_secretion             ? 
_entity_src_nat.pdbx_fragment              ? 
_entity_src_nat.pdbx_variant               ? 
_entity_src_nat.pdbx_cell_line             ? 
_entity_src_nat.pdbx_atcc                  ? 
_entity_src_nat.pdbx_cellular_location     ? 
_entity_src_nat.pdbx_organ                 ? 
_entity_src_nat.pdbx_organelle             ? 
_entity_src_nat.pdbx_cell                  ? 
_entity_src_nat.pdbx_plasmid_name          ? 
_entity_src_nat.pdbx_plasmid_details       ? 
_entity_src_nat.details                    ? 
# 
_struct_ref.id                         1 
_struct_ref.db_name                    UNP 
_struct_ref.db_code                    O88151_THAAR 
_struct_ref.pdbx_db_accession          O88151 
_struct_ref.entity_id                  1 
_struct_ref.pdbx_seq_one_letter_code   
;ALYINDDCTACDACVEECPNEAITPGDPIYVIDPTKCSECVGAFDEPQCRLVCPADCIPDNPDYRETREELQEKYDRLHG

;
_struct_ref.pdbx_align_begin           2 
_struct_ref.pdbx_db_isoform            ? 
# 
_struct_ref_seq.align_id                      1 
_struct_ref_seq.ref_id                        1 
_struct_ref_seq.pdbx_PDB_id_code              1RGV 
_struct_ref_seq.pdbx_strand_id                A 
_struct_ref_seq.seq_align_beg                 1 
_struct_ref_seq.pdbx_seq_align_beg_ins_code   ? 
_struct_ref_seq.seq_align_end                 80 
_struct_ref_seq.pdbx_seq_align_end_ins_code   ? 
_struct_ref_seq.pdbx_db_accession             O88151 
_struct_ref_seq.db_align_beg                  2 
_struct_ref_seq.pdbx_db_align_beg_ins_code    ? 
_struct_ref_seq.db_align_end                  81 
_struct_ref_seq.pdbx_db_align_end_ins_code    ? 
_struct_ref_seq.pdbx_auth_seq_align_beg       1 
_struct_ref_seq.pdbx_auth_seq_align_end       80 
# 
loop_
_chem_comp.id 
_chem_comp.type 
_chem_comp.mon_nstd_flag 
_chem_comp.name 
_chem_comp.pdbx_synonyms 
_chem_comp.formula 
_chem_comp.formula_weight 
ALA 'L-peptide linking' y ALANINE               ? 'C3 H7 N O2'     89.093  
ARG 'L-peptide linking' y ARGININE              ? 'C6 H15 N4 O2 1' 175.209 
ASN 'L-peptide linking' y ASPARAGINE            ? 'C4 H8 N2 O3'    132.118 
ASP 'L-peptide linking' y 'ASPARTIC ACID'       ? 'C4 H7 N O4'     133.103 
CYS 'L-peptide linking' y CYSTEINE              ? 'C3 H7 N O2 S'   121.158 
GLN 'L-peptide linking' y GLUTAMINE             ? 'C5 H10 N2 O3'   146.144 
GLU 'L-peptide linking' y 'GLUTAMIC ACID'       ? 'C5 H9 N O4'     147.129 
GLY 'peptide linking'   y GLYCINE               ? 'C2 H5 N O2'     75.067  
HIS 'L-peptide linking' y HISTIDINE             ? 'C6 H10 N3 O2 1' 156.162 
ILE 'L-peptide linking' y ISOLEUCINE            ? 'C6 H13 N O2'    131.173 
LEU 'L-peptide linking' y LEUCINE               ? 'C6 H13 N O2'    131.173 
LYS 'L-peptide linking' y LYSINE                ? 'C6 H15 N2 O2 1' 147.195 
PHE 'L-peptide linking' y PHENYLALANINE         ? 'C9 H11 N O2'    165.189 
PRO 'L-peptide linking' y PROLINE               ? 'C5 H9 N O2'     115.130 
SER 'L-peptide linking' y SERINE                ? 'C3 H7 N O3'     105.093 
SF4 non-polymer         . 'IRON/SULFUR CLUSTER' ? 'Fe4 S4'         351.640 
THR 'L-peptide linking' y THREONINE             ? 'C4 H9 N O3'     119.119 
TYR 'L-peptide linking' y TYROSINE              ? 'C9 H11 N O3'    181.189 
VAL 'L-peptide linking' y VALINE                ? 'C5 H11 N O2'    117.146 
# 
_exptl.entry_id          1RGV 
_exptl.method            'X-RAY DIFFRACTION' 
_exptl.crystals_number   1 
# 
_exptl_crystal.id                    1 
_exptl_crystal.density_meas          ? 
_exptl_crystal.density_percent_sol   76.8 
_exptl_crystal.description           ? 
_exptl_crystal.density_Matthews      5.3 
# 
_exptl_crystal_grow.crystal_id      1 
_exptl_crystal_grow.method          'VAPOR DIFFUSION, HANGING DROP' 
_exptl_crystal_grow.temp            281 
_exptl_crystal_grow.temp_details    ? 
_exptl_crystal_grow.pH              5.8 
_exptl_crystal_grow.pdbx_details    'sodium citrate, ammonium phosphate, pH 5.8, VAPOR DIFFUSION, HANGING DROP, temperature 281K' 
_exptl_crystal_grow.pdbx_pH_range   . 
# 
_diffrn.id                     1 
_diffrn.ambient_temp           295 
_diffrn.ambient_temp_details   ? 
_diffrn.crystal_id             1 
# 
_diffrn_detector.diffrn_id              1 
_diffrn_detector.detector               'IMAGE PLATE' 
_diffrn_detector.type                   MARRESEARCH 
_diffrn_detector.pdbx_collection_date   2001-02-18 
_diffrn_detector.details                ? 
# 
_diffrn_radiation.diffrn_id                        1 
_diffrn_radiation.wavelength_id                    1 
_diffrn_radiation.pdbx_monochromatic_or_laue_m_l   M 
_diffrn_radiation.monochromator                    Multilayer 
_diffrn_radiation.pdbx_diffrn_protocol             'SINGLE WAVELENGTH' 
_diffrn_radiation.pdbx_scattering_type             x-ray 
# 
_diffrn_radiation_wavelength.id           1 
_diffrn_radiation_wavelength.wavelength   1.54 
_diffrn_radiation_wavelength.wt           1.0 
# 
_diffrn_source.diffrn_id                   1 
_diffrn_source.source                      'ROTATING ANODE' 
_diffrn_source.type                        'RIGAKU RU200' 
_diffrn_source.pdbx_synchrotron_site       ? 
_diffrn_source.pdbx_synchrotron_beamline   ? 
_diffrn_source.pdbx_wavelength             ? 
_diffrn_source.pdbx_wavelength_list        1.54 
# 
_reflns.entry_id                     1RGV 
_reflns.observed_criterion_sigma_I   0 
_reflns.observed_criterion_sigma_F   0 
_reflns.d_resolution_low             50.0 
_reflns.d_resolution_high            2.9 
_reflns.number_obs                   3953 
_reflns.number_all                   3953 
_reflns.percent_possible_obs         95.7 
_reflns.pdbx_Rmerge_I_obs            ? 
_reflns.pdbx_Rsym_value              0.094 
_reflns.pdbx_netI_over_sigmaI        12.4 
_reflns.B_iso_Wilson_estimate        1.3 
_reflns.pdbx_redundancy              3.0 
_reflns.R_free_details               ? 
_reflns.limit_h_max                  ? 
_reflns.limit_h_min                  ? 
_reflns.limit_k_max                  ? 
_reflns.limit_k_min                  ? 
_reflns.limit_l_max                  ? 
_reflns.limit_l_min                  ? 
_reflns.observed_criterion_F_max     ? 
_reflns.observed_criterion_F_min     ? 
_reflns.pdbx_ordinal                 1 
_reflns.pdbx_diffrn_id               1 
# 
_reflns_shell.d_res_high             2.9 
_reflns_shell.d_res_low              3.0 
_reflns_shell.percent_possible_all   70. 
_reflns_shell.Rmerge_I_obs           ? 
_reflns_shell.pdbx_Rsym_value        0.38 
_reflns_shell.meanI_over_sigI_obs    2.7 
_reflns_shell.pdbx_redundancy        1.7 
_reflns_shell.percent_possible_obs   ? 
_reflns_shell.number_unique_all      282 
_reflns_shell.pdbx_ordinal           1 
_reflns_shell.pdbx_diffrn_id         1 
# 
_refine.entry_id                                 1RGV 
_refine.ls_number_reflns_obs                     3753 
_refine.ls_number_reflns_all                     3753 
_refine.pdbx_ls_sigma_I                          ? 
_refine.pdbx_ls_sigma_F                          0.0 
_refine.pdbx_data_cutoff_high_absF               1092461.40 
_refine.pdbx_data_cutoff_low_absF                0.000000 
_refine.pdbx_data_cutoff_high_rms_absF           ? 
_refine.ls_d_res_low                             25.86 
_refine.ls_d_res_high                            2.90 
_refine.ls_percent_reflns_obs                    91.1 
_refine.ls_R_factor_obs                          0.197 
_refine.ls_R_factor_all                          0.197 
_refine.ls_R_factor_R_work                       0.197 
_refine.ls_R_factor_R_free                       0.219 
_refine.ls_R_factor_R_free_error                 0.016 
_refine.ls_R_factor_R_free_error_details         ? 
_refine.ls_percent_reflns_R_free                 5.3 
_refine.ls_number_reflns_R_free                  198 
_refine.ls_number_parameters                     ? 
_refine.ls_number_restraints                     ? 
_refine.occupancy_min                            ? 
_refine.occupancy_max                            ? 
_refine.correlation_coeff_Fo_to_Fc               ? 
_refine.correlation_coeff_Fo_to_Fc_free          ? 
_refine.B_iso_mean                               48.7 
_refine.aniso_B[1][1]                            3.31 
_refine.aniso_B[2][2]                            3.31 
_refine.aniso_B[3][3]                            -6.63 
_refine.aniso_B[1][2]                            9.98 
_refine.aniso_B[1][3]                            0.00 
_refine.aniso_B[2][3]                            0.00 
_refine.solvent_model_details                    'FLAT MODEL' 
_refine.solvent_model_param_ksol                 0.366861 
_refine.solvent_model_param_bsol                 28.1492 
_refine.pdbx_solvent_vdw_probe_radii             ? 
_refine.pdbx_solvent_ion_probe_radii             ? 
_refine.pdbx_solvent_shrinkage_radii             ? 
_refine.pdbx_ls_cross_valid_method               THROUGHOUT 
_refine.details                                  ? 
_refine.pdbx_starting_model                      
;Ferredoxin from Allochromatium vinosum 
(PDB 1BLU)
;
_refine.pdbx_method_to_determine_struct          'MOLECULAR REPLACEMENT' 
_refine.pdbx_isotropic_thermal_model             RESTRAINED 
_refine.pdbx_stereochemistry_target_values       'Engh & Huber' 
_refine.pdbx_stereochem_target_val_spec_case     ? 
_refine.pdbx_R_Free_selection_details            RANDOM 
_refine.pdbx_overall_ESU_R                       ? 
_refine.pdbx_overall_ESU_R_Free                  ? 
_refine.overall_SU_ML                            ? 
_refine.overall_SU_B                             ? 
_refine.ls_redundancy_reflns_obs                 ? 
_refine.B_iso_min                                ? 
_refine.B_iso_max                                ? 
_refine.overall_SU_R_Cruickshank_DPI             ? 
_refine.overall_SU_R_free                        ? 
_refine.pdbx_refine_id                           'X-RAY DIFFRACTION' 
_refine.pdbx_diffrn_id                           1 
_refine.pdbx_TLS_residual_ADP_flag               ? 
_refine.pdbx_overall_phase_error                 ? 
_refine.pdbx_overall_SU_R_free_Cruickshank_DPI   ? 
_refine.pdbx_overall_SU_R_Blow_DPI               ? 
_refine.pdbx_overall_SU_R_free_Blow_DPI          ? 
# 
_refine_analyze.entry_id                        1RGV 
_refine_analyze.Luzzati_coordinate_error_obs    0.34 
_refine_analyze.Luzzati_sigma_a_obs             0.49 
_refine_analyze.Luzzati_d_res_low_obs           5.00 
_refine_analyze.Luzzati_coordinate_error_free   0.34 
_refine_analyze.Luzzati_sigma_a_free            0.19 
_refine_analyze.Luzzati_d_res_low_free          ? 
_refine_analyze.number_disordered_residues      ? 
_refine_analyze.occupancy_sum_hydrogen          ? 
_refine_analyze.occupancy_sum_non_hydrogen      ? 
_refine_analyze.pdbx_Luzzati_d_res_high_obs     ? 
_refine_analyze.pdbx_refine_id                  'X-RAY DIFFRACTION' 
# 
_refine_hist.pdbx_refine_id                   'X-RAY DIFFRACTION' 
_refine_hist.cycle_id                         LAST 
_refine_hist.pdbx_number_atoms_protein        621 
_refine_hist.pdbx_number_atoms_nucleic_acid   0 
_refine_hist.pdbx_number_atoms_ligand         16 
_refine_hist.number_atoms_solvent             0 
_refine_hist.number_atoms_total               637 
_refine_hist.d_res_high                       2.90 
_refine_hist.d_res_low                        25.86 
# 
loop_
_refine_ls_restr.type 
_refine_ls_restr.dev_ideal 
_refine_ls_restr.dev_ideal_target 
_refine_ls_restr.weight 
_refine_ls_restr.number 
_refine_ls_restr.pdbx_refine_id 
_refine_ls_restr.pdbx_restraint_function 
c_bond_d           0.007 ?    ? ? 'X-RAY DIFFRACTION' ? 
c_angle_deg        1.2   ?    ? ? 'X-RAY DIFFRACTION' ? 
c_dihedral_angle_d 23.3  ?    ? ? 'X-RAY DIFFRACTION' ? 
c_improper_angle_d 0.83  ?    ? ? 'X-RAY DIFFRACTION' ? 
c_mcbond_it        0.90  1.50 ? ? 'X-RAY DIFFRACTION' ? 
c_mcangle_it       1.61  2.00 ? ? 'X-RAY DIFFRACTION' ? 
c_scbond_it        1.45  2.00 ? ? 'X-RAY DIFFRACTION' ? 
c_scangle_it       2.16  2.50 ? ? 'X-RAY DIFFRACTION' ? 
# 
_refine_ls_shell.pdbx_total_number_of_bins_used   6 
_refine_ls_shell.d_res_high                       2.90 
_refine_ls_shell.d_res_low                        3.08 
_refine_ls_shell.number_reflns_R_work             433 
_refine_ls_shell.R_factor_R_work                  0.329 
_refine_ls_shell.percent_reflns_obs               68.2 
_refine_ls_shell.R_factor_R_free                  0.226 
_refine_ls_shell.R_factor_R_free_error            0.044 
_refine_ls_shell.percent_reflns_R_free            5.7 
_refine_ls_shell.number_reflns_R_free             26 
_refine_ls_shell.number_reflns_obs                ? 
_refine_ls_shell.redundancy_reflns_obs            ? 
_refine_ls_shell.number_reflns_all                ? 
_refine_ls_shell.pdbx_refine_id                   'X-RAY DIFFRACTION' 
_refine_ls_shell.R_factor_all                     ? 
# 
loop_
_pdbx_xplor_file.serial_no 
_pdbx_xplor_file.param_file 
_pdbx_xplor_file.topol_file 
_pdbx_xplor_file.pdbx_refine_id 
1 PROTEIN_REP.PARAM PROTEIN.TOP 'X-RAY DIFFRACTION' 
2 PARAM.FES         TOPH.FES    'X-RAY DIFFRACTION' 
3 WATER_REP.PARAM   WATER.TOP   'X-RAY DIFFRACTION' 
4 ION.PARAM         ION.TOP     'X-RAY DIFFRACTION' 
# 
_struct.entry_id                  1RGV 
_struct.title                     'Crystal Structure of the Ferredoxin from Thauera aromatica' 
_struct.pdbx_model_details        ? 
_struct.pdbx_CASP_flag            ? 
_struct.pdbx_model_type_details   ? 
# 
_struct_keywords.entry_id        1RGV 
_struct_keywords.pdbx_keywords   'ELECTRON TRANSPORT' 
_struct_keywords.text            'electron transport' 
# 
loop_
_struct_asym.id 
_struct_asym.pdbx_blank_PDB_chainid_flag 
_struct_asym.pdbx_modified 
_struct_asym.entity_id 
_struct_asym.details 
A N N 1 ? 
B N N 2 ? 
C N N 2 ? 
# 
_struct_biol.id                    1 
_struct_biol.pdbx_parent_biol_id   ? 
_struct_biol.details               ? 
# 
loop_
_struct_conf.conf_type_id 
_struct_conf.id 
_struct_conf.pdbx_PDB_helix_id 
_struct_conf.beg_label_comp_id 
_struct_conf.beg_label_asym_id 
_struct_conf.beg_label_seq_id 
_struct_conf.pdbx_beg_PDB_ins_code 
_struct_conf.end_label_comp_id 
_struct_conf.end_label_asym_id 
_struct_conf.end_label_seq_id 
_struct_conf.pdbx_end_PDB_ins_code 
_struct_conf.beg_auth_comp_id 
_struct_conf.beg_auth_asym_id 
_struct_conf.beg_auth_seq_id 
_struct_conf.end_auth_comp_id 
_struct_conf.end_auth_asym_id 
_struct_conf.end_auth_seq_id 
_struct_conf.pdbx_PDB_helix_class 
_struct_conf.details 
_struct_conf.pdbx_PDB_helix_length 
HELX_P HELX_P1 1 PRO A 47 ? CYS A 53 ? PRO A 47 CYS A 53 1 ? 7  
HELX_P HELX_P2 2 ASN A 61 ? ARG A 65 ? ASN A 61 ARG A 65 5 ? 5  
HELX_P HELX_P3 3 THR A 67 ? HIS A 79 ? THR A 67 HIS A 79 1 ? 13 
# 
_struct_conf_type.id          HELX_P 
_struct_conf_type.criteria    ? 
_struct_conf_type.reference   ? 
# 
loop_
_struct_conn.id 
_struct_conn.conn_type_id 
_struct_conn.pdbx_leaving_atom_flag 
_struct_conn.pdbx_PDB_id 
_struct_conn.ptnr1_label_asym_id 
_struct_conn.ptnr1_label_comp_id 
_struct_conn.ptnr1_label_seq_id 
_struct_conn.ptnr1_label_atom_id 
_struct_conn.pdbx_ptnr1_label_alt_id 
_struct_conn.pdbx_ptnr1_PDB_ins_code 
_struct_conn.pdbx_ptnr1_standard_comp_id 
_struct_conn.ptnr1_symmetry 
_struct_conn.ptnr2_label_asym_id 
_struct_conn.ptnr2_label_comp_id 
_struct_conn.ptnr2_label_seq_id 
_struct_conn.ptnr2_label_atom_id 
_struct_conn.pdbx_ptnr2_label_alt_id 
_struct_conn.pdbx_ptnr2_PDB_ins_code 
_struct_conn.ptnr1_auth_asym_id 
_struct_conn.ptnr1_auth_comp_id 
_struct_conn.ptnr1_auth_seq_id 
_struct_conn.ptnr2_auth_asym_id 
_struct_conn.ptnr2_auth_comp_id 
_struct_conn.ptnr2_auth_seq_id 
_struct_conn.ptnr2_symmetry 
_struct_conn.pdbx_ptnr3_label_atom_id 
_struct_conn.pdbx_ptnr3_label_seq_id 
_struct_conn.pdbx_ptnr3_label_comp_id 
_struct_conn.pdbx_ptnr3_label_asym_id 
_struct_conn.pdbx_ptnr3_label_alt_id 
_struct_conn.pdbx_ptnr3_PDB_ins_code 
_struct_conn.details 
_struct_conn.pdbx_dist_value 
_struct_conn.pdbx_value_order 
_struct_conn.pdbx_role 
metalc1 metalc ? ? A CYS 8  SG ? ? ? 1_555 B SF4 . FE3 ? ? A CYS 8  A SF4 101 1_555 ? ? ? ? ? ? ? 2.484 ? ? 
metalc2 metalc ? ? A CYS 11 SG ? ? ? 1_555 B SF4 . FE4 ? ? A CYS 11 A SF4 101 1_555 ? ? ? ? ? ? ? 2.467 ? ? 
metalc3 metalc ? ? A CYS 14 SG ? ? ? 1_555 B SF4 . FE2 ? ? A CYS 14 A SF4 101 1_555 ? ? ? ? ? ? ? 2.508 ? ? 
metalc4 metalc ? ? A CYS 18 SG ? ? ? 1_555 C SF4 . FE1 ? ? A CYS 18 A SF4 102 1_555 ? ? ? ? ? ? ? 2.434 ? ? 
metalc5 metalc ? ? A CYS 37 SG ? ? ? 1_555 C SF4 . FE3 ? ? A CYS 37 A SF4 102 1_555 ? ? ? ? ? ? ? 2.502 ? ? 
metalc6 metalc ? ? A CYS 40 SG ? ? ? 1_555 C SF4 . FE4 ? ? A CYS 40 A SF4 102 1_555 ? ? ? ? ? ? ? 2.509 ? ? 
metalc7 metalc ? ? A CYS 49 SG ? ? ? 1_555 C SF4 . FE2 ? ? A CYS 49 A SF4 102 1_555 ? ? ? ? ? ? ? 2.564 ? ? 
metalc8 metalc ? ? A CYS 53 SG ? ? ? 1_555 B SF4 . FE1 ? ? A CYS 53 A SF4 101 1_555 ? ? ? ? ? ? ? 2.501 ? ? 
# 
_struct_conn_type.id          metalc 
_struct_conn_type.criteria    ? 
_struct_conn_type.reference   ? 
# 
_struct_mon_prot_cis.pdbx_id                1 
_struct_mon_prot_cis.label_comp_id          ASP 
_struct_mon_prot_cis.label_seq_id           27 
_struct_mon_prot_cis.label_asym_id          A 
_struct_mon_prot_cis.label_alt_id           . 
_struct_mon_prot_cis.pdbx_PDB_ins_code      ? 
_struct_mon_prot_cis.auth_comp_id           ASP 
_struct_mon_prot_cis.auth_seq_id            27 
_struct_mon_prot_cis.auth_asym_id           A 
_struct_mon_prot_cis.pdbx_label_comp_id_2   PRO 
_struct_mon_prot_cis.pdbx_label_seq_id_2    28 
_struct_mon_prot_cis.pdbx_label_asym_id_2   A 
_struct_mon_prot_cis.pdbx_PDB_ins_code_2    ? 
_struct_mon_prot_cis.pdbx_auth_comp_id_2    PRO 
_struct_mon_prot_cis.pdbx_auth_seq_id_2     28 
_struct_mon_prot_cis.pdbx_auth_asym_id_2    A 
_struct_mon_prot_cis.pdbx_PDB_model_num     1 
_struct_mon_prot_cis.pdbx_omega_angle       1.31 
# 
_struct_sheet.id               A 
_struct_sheet.type             ? 
_struct_sheet.number_strands   2 
_struct_sheet.details          ? 
# 
_struct_sheet_order.sheet_id     A 
_struct_sheet_order.range_id_1   1 
_struct_sheet_order.range_id_2   2 
_struct_sheet_order.offset       ? 
_struct_sheet_order.sense        anti-parallel 
# 
loop_
_struct_sheet_range.sheet_id 
_struct_sheet_range.id 
_struct_sheet_range.beg_label_comp_id 
_struct_sheet_range.beg_label_asym_id 
_struct_sheet_range.beg_label_seq_id 
_struct_sheet_range.pdbx_beg_PDB_ins_code 
_struct_sheet_range.end_label_comp_id 
_struct_sheet_range.end_label_asym_id 
_struct_sheet_range.end_label_seq_id 
_struct_sheet_range.pdbx_end_PDB_ins_code 
_struct_sheet_range.beg_auth_comp_id 
_struct_sheet_range.beg_auth_asym_id 
_struct_sheet_range.beg_auth_seq_id 
_struct_sheet_range.end_auth_comp_id 
_struct_sheet_range.end_auth_asym_id 
_struct_sheet_range.end_auth_seq_id 
A 1 ILE A 23 ? THR A 24 ? ILE A 23 THR A 24 
A 2 VAL A 31 ? ILE A 32 ? VAL A 31 ILE A 32 
# 
_pdbx_struct_sheet_hbond.sheet_id                A 
_pdbx_struct_sheet_hbond.range_id_1              1 
_pdbx_struct_sheet_hbond.range_id_2              2 
_pdbx_struct_sheet_hbond.range_1_label_atom_id   N 
_pdbx_struct_sheet_hbond.range_1_label_comp_id   THR 
_pdbx_struct_sheet_hbond.range_1_label_asym_id   A 
_pdbx_struct_sheet_hbond.range_1_label_seq_id    24 
_pdbx_struct_sheet_hbond.range_1_PDB_ins_code    ? 
_pdbx_struct_sheet_hbond.range_1_auth_atom_id    N 
_pdbx_struct_sheet_hbond.range_1_auth_comp_id    THR 
_pdbx_struct_sheet_hbond.range_1_auth_asym_id    A 
_pdbx_struct_sheet_hbond.range_1_auth_seq_id     24 
_pdbx_struct_sheet_hbond.range_2_label_atom_id   O 
_pdbx_struct_sheet_hbond.range_2_label_comp_id   VAL 
_pdbx_struct_sheet_hbond.range_2_label_asym_id   A 
_pdbx_struct_sheet_hbond.range_2_label_seq_id    31 
_pdbx_struct_sheet_hbond.range_2_PDB_ins_code    ? 
_pdbx_struct_sheet_hbond.range_2_auth_atom_id    O 
_pdbx_struct_sheet_hbond.range_2_auth_comp_id    VAL 
_pdbx_struct_sheet_hbond.range_2_auth_asym_id    A 
_pdbx_struct_sheet_hbond.range_2_auth_seq_id     31 
# 
loop_
_struct_site.id 
_struct_site.pdbx_evidence_code 
_struct_site.pdbx_auth_asym_id 
_struct_site.pdbx_auth_comp_id 
_struct_site.pdbx_auth_seq_id 
_struct_site.pdbx_auth_ins_code 
_struct_site.pdbx_num_residues 
_struct_site.details 
AC1 Software A SF4 101 ? 7 'BINDING SITE FOR RESIDUE SF4 A 101' 
AC2 Software A SF4 102 ? 7 'BINDING SITE FOR RESIDUE SF4 A 102' 
# 
loop_
_struct_site_gen.id 
_struct_site_gen.site_id 
_struct_site_gen.pdbx_num_res 
_struct_site_gen.label_comp_id 
_struct_site_gen.label_asym_id 
_struct_site_gen.label_seq_id 
_struct_site_gen.pdbx_auth_ins_code 
_struct_site_gen.auth_comp_id 
_struct_site_gen.auth_asym_id 
_struct_site_gen.auth_seq_id 
_struct_site_gen.label_atom_id 
_struct_site_gen.label_alt_id 
_struct_site_gen.symmetry 
_struct_site_gen.details 
1  AC1 7 CYS A 8  ? CYS A 8  . ? 1_555 ? 
2  AC1 7 THR A 9  ? THR A 9  . ? 1_555 ? 
3  AC1 7 CYS A 11 ? CYS A 11 . ? 1_555 ? 
4  AC1 7 ASP A 12 ? ASP A 12 . ? 1_555 ? 
5  AC1 7 CYS A 14 ? CYS A 14 . ? 1_555 ? 
6  AC1 7 CYS A 53 ? CYS A 53 . ? 1_555 ? 
7  AC1 7 CYS A 57 ? CYS A 57 . ? 1_555 ? 
8  AC2 7 CYS A 18 ? CYS A 18 . ? 1_555 ? 
9  AC2 7 PRO A 19 ? PRO A 19 . ? 1_555 ? 
10 AC2 7 CYS A 37 ? CYS A 37 . ? 1_555 ? 
11 AC2 7 GLU A 39 ? GLU A 39 . ? 1_555 ? 
12 AC2 7 CYS A 40 ? CYS A 40 . ? 1_555 ? 
13 AC2 7 PRO A 47 ? PRO A 47 . ? 1_555 ? 
14 AC2 7 CYS A 49 ? CYS A 49 . ? 1_555 ? 
# 
_atom_sites.entry_id                    1RGV 
_atom_sites.fract_transf_matrix[1][1]   -0.00325687 
_atom_sites.fract_transf_matrix[1][2]   0.01010796 
_atom_sites.fract_transf_matrix[1][3]   0.01004260 
_atom_sites.fract_transf_matrix[2][1]   -0.01238350 
_atom_sites.fract_transf_matrix[2][2]   -0.00106363 
_atom_sites.fract_transf_matrix[2][3]   0.00769059 
_atom_sites.fract_transf_matrix[3][1]   0.00969393 
_atom_sites.fract_transf_matrix[3][2]   -0.01088870 
_atom_sites.fract_transf_matrix[3][3]   0.01410336 
_atom_sites.fract_transf_vector[1]      0.157030 
_atom_sites.fract_transf_vector[2]      0.634197 
_atom_sites.fract_transf_vector[3]      0.786844 
# 
loop_
_atom_type.symbol 
C  
FE 
N  
O  
S  
# 
loop_
_atom_site.group_PDB 
_atom_site.id 
_atom_site.type_symbol 
_atom_site.label_atom_id 
_atom_site.label_alt_id 
_atom_site.label_comp_id 
_atom_site.label_asym_id 
_atom_site.label_entity_id 
_atom_site.label_seq_id 
_atom_site.pdbx_PDB_ins_code 
_atom_site.Cartn_x 
_atom_site.Cartn_y 
_atom_site.Cartn_z 
_atom_site.occupancy 
_atom_site.B_iso_or_equiv 
_atom_site.pdbx_formal_charge 
_atom_site.auth_seq_id 
_atom_site.auth_comp_id 
_atom_site.auth_asym_id 
_atom_site.auth_atom_id 
_atom_site.pdbx_PDB_model_num 
ATOM   1   N  N   . ALA A 1 1  ? 3.976   -2.904  6.545   1.00 35.20 ? 1   ALA A N   1 
ATOM   2   C  CA  . ALA A 1 1  ? 3.138   -2.153  5.563   1.00 34.88 ? 1   ALA A CA  1 
ATOM   3   C  C   . ALA A 1 1  ? 3.909   -0.975  4.992   1.00 34.73 ? 1   ALA A C   1 
ATOM   4   O  O   . ALA A 1 1  ? 4.991   -0.631  5.470   1.00 35.32 ? 1   ALA A O   1 
ATOM   5   C  CB  . ALA A 1 1  ? 1.855   -1.654  6.238   1.00 34.31 ? 1   ALA A CB  1 
ATOM   6   N  N   . LEU A 1 2  ? 3.347   -0.356  3.962   1.00 34.58 ? 2   LEU A N   1 
ATOM   7   C  CA  . LEU A 1 2  ? 3.976   0.796   3.336   1.00 35.02 ? 2   LEU A CA  1 
ATOM   8   C  C   . LEU A 1 2  ? 3.184   2.038   3.719   1.00 35.55 ? 2   LEU A C   1 
ATOM   9   O  O   . LEU A 1 2  ? 2.151   1.946   4.380   1.00 36.31 ? 2   LEU A O   1 
ATOM   10  C  CB  . LEU A 1 2  ? 3.984   0.643   1.811   1.00 34.48 ? 2   LEU A CB  1 
ATOM   11  C  CG  . LEU A 1 2  ? 4.597   -0.642  1.245   1.00 33.89 ? 2   LEU A CG  1 
ATOM   12  C  CD1 . LEU A 1 2  ? 4.685   -0.544  -0.267  1.00 32.03 ? 2   LEU A CD1 1 
ATOM   13  C  CD2 . LEU A 1 2  ? 5.977   -0.856  1.846   1.00 33.68 ? 2   LEU A CD2 1 
ATOM   14  N  N   . TYR A 1 3  ? 3.678   3.199   3.314   1.00 35.83 ? 3   TYR A N   1 
ATOM   15  C  CA  . TYR A 1 3  ? 2.994   4.447   3.604   1.00 36.03 ? 3   TYR A CA  1 
ATOM   16  C  C   . TYR A 1 3  ? 3.410   5.448   2.535   1.00 36.81 ? 3   TYR A C   1 
ATOM   17  O  O   . TYR A 1 3  ? 4.381   5.213   1.816   1.00 37.49 ? 3   TYR A O   1 
ATOM   18  C  CB  . TYR A 1 3  ? 3.350   4.930   5.011   1.00 35.19 ? 3   TYR A CB  1 
ATOM   19  C  CG  . TYR A 1 3  ? 4.559   5.819   5.105   1.00 36.24 ? 3   TYR A CG  1 
ATOM   20  C  CD1 . TYR A 1 3  ? 4.415   7.199   5.230   1.00 37.06 ? 3   TYR A CD1 1 
ATOM   21  C  CD2 . TYR A 1 3  ? 5.847   5.285   5.108   1.00 36.96 ? 3   TYR A CD2 1 
ATOM   22  C  CE1 . TYR A 1 3  ? 5.522   8.030   5.362   1.00 38.45 ? 3   TYR A CE1 1 
ATOM   23  C  CE2 . TYR A 1 3  ? 6.966   6.107   5.242   1.00 37.94 ? 3   TYR A CE2 1 
ATOM   24  C  CZ  . TYR A 1 3  ? 6.797   7.480   5.370   1.00 39.10 ? 3   TYR A CZ  1 
ATOM   25  O  OH  . TYR A 1 3  ? 7.893   8.309   5.518   1.00 40.21 ? 3   TYR A OH  1 
ATOM   26  N  N   . ILE A 1 4  ? 2.680   6.552   2.416   1.00 37.27 ? 4   ILE A N   1 
ATOM   27  C  CA  . ILE A 1 4  ? 2.991   7.537   1.387   1.00 37.52 ? 4   ILE A CA  1 
ATOM   28  C  C   . ILE A 1 4  ? 3.688   8.818   1.861   1.00 40.21 ? 4   ILE A C   1 
ATOM   29  O  O   . ILE A 1 4  ? 3.270   9.457   2.830   1.00 39.32 ? 4   ILE A O   1 
ATOM   30  C  CB  . ILE A 1 4  ? 1.710   7.897   0.611   1.00 34.90 ? 4   ILE A CB  1 
ATOM   31  C  CG1 . ILE A 1 4  ? 1.122   6.618   -0.001  1.00 31.69 ? 4   ILE A CG1 1 
ATOM   32  C  CG2 . ILE A 1 4  ? 2.012   8.942   -0.456  1.00 33.75 ? 4   ILE A CG2 1 
ATOM   33  C  CD1 . ILE A 1 4  ? -0.257  6.788   -0.607  1.00 28.81 ? 4   ILE A CD1 1 
ATOM   34  N  N   . ASN A 1 5  ? 4.766   9.162   1.152   1.00 43.46 ? 5   ASN A N   1 
ATOM   35  C  CA  . ASN A 1 5  ? 5.580   10.350  1.409   1.00 46.08 ? 5   ASN A CA  1 
ATOM   36  C  C   . ASN A 1 5  ? 4.767   11.611  1.264   1.00 47.66 ? 5   ASN A C   1 
ATOM   37  O  O   . ASN A 1 5  ? 3.567   11.570  1.004   1.00 48.54 ? 5   ASN A O   1 
ATOM   38  C  CB  . ASN A 1 5  ? 6.718   10.461  0.395   1.00 47.17 ? 5   ASN A CB  1 
ATOM   39  C  CG  . ASN A 1 5  ? 8.008   9.900   0.904   1.00 49.38 ? 5   ASN A CG  1 
ATOM   40  O  OD1 . ASN A 1 5  ? 8.138   9.599   2.090   1.00 51.54 ? 5   ASN A OD1 1 
ATOM   41  N  ND2 . ASN A 1 5  ? 8.988   9.765   0.012   1.00 49.81 ? 5   ASN A ND2 1 
ATOM   42  N  N   . ASP A 1 6  ? 5.451   12.738  1.406   1.00 49.04 ? 6   ASP A N   1 
ATOM   43  C  CA  . ASP A 1 6  ? 4.815   14.026  1.250   1.00 49.62 ? 6   ASP A CA  1 
ATOM   44  C  C   . ASP A 1 6  ? 5.116   14.480  -0.175  1.00 48.99 ? 6   ASP A C   1 
ATOM   45  O  O   . ASP A 1 6  ? 4.680   15.543  -0.611  1.00 49.03 ? 6   ASP A O   1 
ATOM   46  C  CB  . ASP A 1 6  ? 5.371   15.026  2.255   1.00 52.20 ? 6   ASP A CB  1 
ATOM   47  C  CG  . ASP A 1 6  ? 4.333   16.045  2.679   1.00 56.75 ? 6   ASP A CG  1 
ATOM   48  O  OD1 . ASP A 1 6  ? 3.694   16.663  1.791   1.00 58.25 ? 6   ASP A OD1 1 
ATOM   49  O  OD2 . ASP A 1 6  ? 4.151   16.225  3.903   1.00 59.73 ? 6   ASP A OD2 1 
ATOM   50  N  N   . ASP A 1 7  ? 5.874   13.662  -0.900  1.00 48.28 ? 7   ASP A N   1 
ATOM   51  C  CA  . ASP A 1 7  ? 6.205   13.975  -2.283  1.00 47.85 ? 7   ASP A CA  1 
ATOM   52  C  C   . ASP A 1 7  ? 5.067   13.516  -3.181  1.00 47.59 ? 7   ASP A C   1 
ATOM   53  O  O   . ASP A 1 7  ? 5.119   13.665  -4.403  1.00 48.34 ? 7   ASP A O   1 
ATOM   54  C  CB  . ASP A 1 7  ? 7.502   13.288  -2.712  1.00 47.26 ? 7   ASP A CB  1 
ATOM   55  C  CG  . ASP A 1 7  ? 8.725   13.882  -2.046  1.00 47.05 ? 7   ASP A CG  1 
ATOM   56  O  OD1 . ASP A 1 7  ? 8.673   15.067  -1.647  1.00 46.68 ? 7   ASP A OD1 1 
ATOM   57  O  OD2 . ASP A 1 7  ? 9.742   13.167  -1.932  1.00 47.53 ? 7   ASP A OD2 1 
ATOM   58  N  N   . CYS A 1 8  ? 4.038   12.945  -2.568  1.00 46.51 ? 8   CYS A N   1 
ATOM   59  C  CA  . CYS A 1 8  ? 2.889   12.482  -3.321  1.00 45.35 ? 8   CYS A CA  1 
ATOM   60  C  C   . CYS A 1 8  ? 2.376   13.650  -4.164  1.00 44.98 ? 8   CYS A C   1 
ATOM   61  O  O   . CYS A 1 8  ? 2.315   14.785  -3.693  1.00 44.26 ? 8   CYS A O   1 
ATOM   62  C  CB  . CYS A 1 8  ? 1.803   11.998  -2.360  1.00 45.36 ? 8   CYS A CB  1 
ATOM   63  S  SG  . CYS A 1 8  ? 0.266   11.498  -3.157  1.00 43.76 ? 8   CYS A SG  1 
ATOM   64  N  N   . THR A 1 9  ? 2.021   13.367  -5.414  1.00 44.79 ? 9   THR A N   1 
ATOM   65  C  CA  . THR A 1 9  ? 1.517   14.389  -6.328  1.00 44.08 ? 9   THR A CA  1 
ATOM   66  C  C   . THR A 1 9  ? 0.000   14.283  -6.453  1.00 43.37 ? 9   THR A C   1 
ATOM   67  O  O   . THR A 1 9  ? -0.647  15.109  -7.101  1.00 43.74 ? 9   THR A O   1 
ATOM   68  C  CB  . THR A 1 9  ? 2.170   14.236  -7.728  1.00 44.88 ? 9   THR A CB  1 
ATOM   69  O  OG1 . THR A 1 9  ? 3.569   14.531  -7.626  1.00 45.37 ? 9   THR A OG1 1 
ATOM   70  C  CG2 . THR A 1 9  ? 1.538   15.181  -8.745  1.00 45.80 ? 9   THR A CG2 1 
ATOM   71  N  N   . ALA A 1 10 ? -0.562  13.263  -5.817  1.00 42.72 ? 10  ALA A N   1 
ATOM   72  C  CA  . ALA A 1 10 ? -2.002  13.036  -5.849  1.00 41.67 ? 10  ALA A CA  1 
ATOM   73  C  C   . ALA A 1 10 ? -2.496  12.783  -7.273  1.00 41.57 ? 10  ALA A C   1 
ATOM   74  O  O   . ALA A 1 10 ? -3.552  13.277  -7.661  1.00 41.69 ? 10  ALA A O   1 
ATOM   75  C  CB  . ALA A 1 10 ? -2.731  14.231  -5.243  1.00 39.28 ? 10  ALA A CB  1 
ATOM   76  N  N   . CYS A 1 11 ? -1.731  12.014  -8.047  1.00 41.98 ? 11  CYS A N   1 
ATOM   77  C  CA  . CYS A 1 11 ? -2.113  11.703  -9.421  1.00 41.97 ? 11  CYS A CA  1 
ATOM   78  C  C   . CYS A 1 11 ? -3.182  10.606  -9.457  1.00 43.04 ? 11  CYS A C   1 
ATOM   79  O  O   . CYS A 1 11 ? -3.751  10.313  -10.512 1.00 42.89 ? 11  CYS A O   1 
ATOM   80  C  CB  . CYS A 1 11 ? -0.890  11.275  -10.236 1.00 41.13 ? 11  CYS A CB  1 
ATOM   81  S  SG  . CYS A 1 11 ? -0.188  9.673   -9.789  1.00 39.57 ? 11  CYS A SG  1 
ATOM   82  N  N   . ASP A 1 12 ? -3.437  9.994   -8.301  1.00 43.95 ? 12  ASP A N   1 
ATOM   83  C  CA  . ASP A 1 12 ? -4.460  8.957   -8.170  1.00 45.02 ? 12  ASP A CA  1 
ATOM   84  C  C   . ASP A 1 12 ? -4.163  7.646   -8.922  1.00 44.59 ? 12  ASP A C   1 
ATOM   85  O  O   . ASP A 1 12 ? -4.905  6.663   -8.805  1.00 44.47 ? 12  ASP A O   1 
ATOM   86  C  CB  . ASP A 1 12 ? -5.809  9.546   -8.618  1.00 46.63 ? 12  ASP A CB  1 
ATOM   87  C  CG  . ASP A 1 12 ? -6.982  8.635   -8.312  1.00 48.87 ? 12  ASP A CG  1 
ATOM   88  O  OD1 . ASP A 1 12 ? -7.384  7.865   -9.211  1.00 50.41 ? 12  ASP A OD1 1 
ATOM   89  O  OD2 . ASP A 1 12 ? -7.499  8.683   -7.171  1.00 49.56 ? 12  ASP A OD2 1 
ATOM   90  N  N   . ALA A 1 13 ? -3.060  7.627   -9.662  1.00 43.17 ? 13  ALA A N   1 
ATOM   91  C  CA  . ALA A 1 13 ? -2.670  6.461   -10.443 1.00 42.52 ? 13  ALA A CA  1 
ATOM   92  C  C   . ALA A 1 13 ? -2.495  5.152   -9.674  1.00 42.76 ? 13  ALA A C   1 
ATOM   93  O  O   . ALA A 1 13 ? -2.422  4.086   -10.284 1.00 44.26 ? 13  ALA A O   1 
ATOM   94  C  CB  . ALA A 1 13 ? -1.394  6.768   -11.201 1.00 41.61 ? 13  ALA A CB  1 
ATOM   95  N  N   . CYS A 1 14 ? -2.446  5.213   -8.350  1.00 42.20 ? 14  CYS A N   1 
ATOM   96  C  CA  . CYS A 1 14 ? -2.225  4.002   -7.565  1.00 41.79 ? 14  CYS A CA  1 
ATOM   97  C  C   . CYS A 1 14 ? -3.453  3.262   -7.054  1.00 42.44 ? 14  CYS A C   1 
ATOM   98  O  O   . CYS A 1 14 ? -3.392  2.053   -6.826  1.00 42.08 ? 14  CYS A O   1 
ATOM   99  C  CB  . CYS A 1 14 ? -1.317  4.320   -6.374  1.00 41.42 ? 14  CYS A CB  1 
ATOM   100 S  SG  . CYS A 1 14 ? -2.003  5.541   -5.237  1.00 37.03 ? 14  CYS A SG  1 
ATOM   101 N  N   . VAL A 1 15 ? -4.558  3.975   -6.862  1.00 43.93 ? 15  VAL A N   1 
ATOM   102 C  CA  . VAL A 1 15 ? -5.780  3.355   -6.346  1.00 44.35 ? 15  VAL A CA  1 
ATOM   103 C  C   . VAL A 1 15 ? -6.196  2.063   -7.071  1.00 44.68 ? 15  VAL A C   1 
ATOM   104 O  O   . VAL A 1 15 ? -6.520  1.072   -6.414  1.00 44.18 ? 15  VAL A O   1 
ATOM   105 C  CB  . VAL A 1 15 ? -6.964  4.352   -6.370  1.00 44.12 ? 15  VAL A CB  1 
ATOM   106 C  CG1 . VAL A 1 15 ? -8.192  3.705   -5.766  1.00 43.66 ? 15  VAL A CG1 1 
ATOM   107 C  CG2 . VAL A 1 15 ? -6.602  5.614   -5.597  1.00 43.26 ? 15  VAL A CG2 1 
ATOM   108 N  N   . GLU A 1 16 ? -6.179  2.069   -8.407  1.00 44.80 ? 16  GLU A N   1 
ATOM   109 C  CA  . GLU A 1 16 ? -6.557  0.884   -9.181  1.00 45.26 ? 16  GLU A CA  1 
ATOM   110 C  C   . GLU A 1 16 ? -5.700  -0.313  -8.811  1.00 44.96 ? 16  GLU A C   1 
ATOM   111 O  O   . GLU A 1 16 ? -6.204  -1.408  -8.594  1.00 46.40 ? 16  GLU A O   1 
ATOM   112 C  CB  . GLU A 1 16 ? -6.346  1.073   -10.681 1.00 47.34 ? 16  GLU A CB  1 
ATOM   113 C  CG  . GLU A 1 16 ? -6.633  2.419   -11.271 1.00 51.77 ? 16  GLU A CG  1 
ATOM   114 C  CD  . GLU A 1 16 ? -6.209  2.457   -12.734 1.00 54.18 ? 16  GLU A CD  1 
ATOM   115 O  OE1 . GLU A 1 16 ? -5.020  2.169   -13.020 1.00 54.49 ? 16  GLU A OE1 1 
ATOM   116 O  OE2 . GLU A 1 16 ? -7.062  2.764   -13.595 1.00 55.70 ? 16  GLU A OE2 1 
ATOM   117 N  N   . GLU A 1 17 ? -4.391  -0.098  -8.775  1.00 44.14 ? 17  GLU A N   1 
ATOM   118 C  CA  . GLU A 1 17 ? -3.450  -1.161  -8.481  1.00 43.22 ? 17  GLU A CA  1 
ATOM   119 C  C   . GLU A 1 17 ? -3.677  -1.905  -7.180  1.00 43.38 ? 17  GLU A C   1 
ATOM   120 O  O   . GLU A 1 17 ? -3.456  -3.112  -7.120  1.00 44.39 ? 17  GLU A O   1 
ATOM   121 C  CB  . GLU A 1 17 ? -2.020  -0.619  -8.495  1.00 42.94 ? 17  GLU A CB  1 
ATOM   122 C  CG  . GLU A 1 17 ? -1.619  0.078   -9.784  1.00 43.15 ? 17  GLU A CG  1 
ATOM   123 C  CD  . GLU A 1 17 ? -1.921  -0.748  -11.022 1.00 43.21 ? 17  GLU A CD  1 
ATOM   124 O  OE1 . GLU A 1 17 ? -1.727  -1.979  -10.979 1.00 43.02 ? 17  GLU A OE1 1 
ATOM   125 O  OE2 . GLU A 1 17 ? -2.342  -0.161  -12.041 1.00 43.87 ? 17  GLU A OE2 1 
ATOM   126 N  N   . CYS A 1 18 ? -4.124  -1.209  -6.140  1.00 43.52 ? 18  CYS A N   1 
ATOM   127 C  CA  . CYS A 1 18 ? -4.310  -1.862  -4.847  1.00 43.89 ? 18  CYS A CA  1 
ATOM   128 C  C   . CYS A 1 18 ? -5.417  -2.909  -4.765  1.00 43.28 ? 18  CYS A C   1 
ATOM   129 O  O   . CYS A 1 18 ? -6.595  -2.600  -4.939  1.00 41.71 ? 18  CYS A O   1 
ATOM   130 C  CB  . CYS A 1 18 ? -4.528  -0.824  -3.751  1.00 45.24 ? 18  CYS A CB  1 
ATOM   131 S  SG  . CYS A 1 18 ? -4.671  -1.576  -2.111  1.00 47.71 ? 18  CYS A SG  1 
ATOM   132 N  N   . PRO A 1 19 ? -5.040  -4.168  -4.470  1.00 43.44 ? 19  PRO A N   1 
ATOM   133 C  CA  . PRO A 1 19 ? -5.944  -5.314  -4.345  1.00 43.99 ? 19  PRO A CA  1 
ATOM   134 C  C   . PRO A 1 19 ? -6.674  -5.380  -3.007  1.00 45.14 ? 19  PRO A C   1 
ATOM   135 O  O   . PRO A 1 19 ? -7.539  -6.234  -2.813  1.00 45.87 ? 19  PRO A O   1 
ATOM   136 C  CB  . PRO A 1 19 ? -5.007  -6.500  -4.523  1.00 43.54 ? 19  PRO A CB  1 
ATOM   137 C  CG  . PRO A 1 19 ? -3.782  -6.031  -3.818  1.00 42.83 ? 19  PRO A CG  1 
ATOM   138 C  CD  . PRO A 1 19 ? -3.637  -4.609  -4.341  1.00 43.46 ? 19  PRO A CD  1 
ATOM   139 N  N   . ASN A 1 20 ? -6.319  -4.493  -2.081  1.00 45.77 ? 20  ASN A N   1 
ATOM   140 C  CA  . ASN A 1 20 ? -6.945  -4.480  -0.761  1.00 45.45 ? 20  ASN A CA  1 
ATOM   141 C  C   . ASN A 1 20 ? -7.624  -3.152  -0.460  1.00 45.85 ? 20  ASN A C   1 
ATOM   142 O  O   . ASN A 1 20 ? -8.038  -2.913  0.675   1.00 45.92 ? 20  ASN A O   1 
ATOM   143 C  CB  . ASN A 1 20 ? -5.907  -4.752  0.332   1.00 45.49 ? 20  ASN A CB  1 
ATOM   144 C  CG  . ASN A 1 20 ? -5.182  -6.071  0.143   1.00 45.96 ? 20  ASN A CG  1 
ATOM   145 O  OD1 . ASN A 1 20 ? -4.331  -6.445  0.958   1.00 46.16 ? 20  ASN A OD1 1 
ATOM   146 N  ND2 . ASN A 1 20 ? -5.509  -6.782  -0.929  1.00 45.90 ? 20  ASN A ND2 1 
ATOM   147 N  N   . GLU A 1 21 ? -7.728  -2.288  -1.466  1.00 46.09 ? 21  GLU A N   1 
ATOM   148 C  CA  . GLU A 1 21 ? -8.357  -0.984  -1.280  1.00 46.88 ? 21  GLU A CA  1 
ATOM   149 C  C   . GLU A 1 21 ? -7.778  -0.297  -0.043  1.00 45.47 ? 21  GLU A C   1 
ATOM   150 O  O   . GLU A 1 21 ? -8.513  0.247   0.786   1.00 44.67 ? 21  GLU A O   1 
ATOM   151 C  CB  . GLU A 1 21 ? -9.864  -1.162  -1.114  1.00 49.22 ? 21  GLU A CB  1 
ATOM   152 C  CG  . GLU A 1 21 ? -10.517 -1.896  -2.264  1.00 53.94 ? 21  GLU A CG  1 
ATOM   153 C  CD  . GLU A 1 21 ? -11.963 -2.244  -1.974  1.00 57.85 ? 21  GLU A CD  1 
ATOM   154 O  OE1 . GLU A 1 21 ? -12.206 -3.008  -1.009  1.00 59.46 ? 21  GLU A OE1 1 
ATOM   155 O  OE2 . GLU A 1 21 ? -12.854 -1.753  -2.707  1.00 59.34 ? 21  GLU A OE2 1 
ATOM   156 N  N   . ALA A 1 22 ? -6.455  -0.328  0.072   1.00 44.40 ? 22  ALA A N   1 
ATOM   157 C  CA  . ALA A 1 22 ? -5.769  0.265   1.212   1.00 43.56 ? 22  ALA A CA  1 
ATOM   158 C  C   . ALA A 1 22 ? -5.390  1.729   1.009   1.00 42.66 ? 22  ALA A C   1 
ATOM   159 O  O   . ALA A 1 22 ? -4.897  2.376   1.932   1.00 43.41 ? 22  ALA A O   1 
ATOM   160 C  CB  . ALA A 1 22 ? -4.524  -0.549  1.546   1.00 43.16 ? 22  ALA A CB  1 
ATOM   161 N  N   . ILE A 1 23 ? -5.616  2.262   -0.185  1.00 40.90 ? 23  ILE A N   1 
ATOM   162 C  CA  . ILE A 1 23 ? -5.268  3.652   -0.426  1.00 39.99 ? 23  ILE A CA  1 
ATOM   163 C  C   . ILE A 1 23 ? -6.500  4.538   -0.512  1.00 40.34 ? 23  ILE A C   1 
ATOM   164 O  O   . ILE A 1 23 ? -7.440  4.246   -1.249  1.00 40.99 ? 23  ILE A O   1 
ATOM   165 C  CB  . ILE A 1 23 ? -4.442  3.809   -1.720  1.00 39.06 ? 23  ILE A CB  1 
ATOM   166 C  CG1 . ILE A 1 23 ? -3.191  2.930   -1.642  1.00 38.25 ? 23  ILE A CG1 1 
ATOM   167 C  CG2 . ILE A 1 23 ? -4.032  5.266   -1.907  1.00 37.41 ? 23  ILE A CG2 1 
ATOM   168 C  CD1 . ILE A 1 23 ? -2.353  2.945   -2.901  1.00 37.50 ? 23  ILE A CD1 1 
ATOM   169 N  N   . THR A 1 24 ? -6.487  5.621   0.255   1.00 40.45 ? 24  THR A N   1 
ATOM   170 C  CA  . THR A 1 24 ? -7.593  6.569   0.269   1.00 40.04 ? 24  THR A CA  1 
ATOM   171 C  C   . THR A 1 24 ? -7.129  7.908   -0.301  1.00 39.78 ? 24  THR A C   1 
ATOM   172 O  O   . THR A 1 24 ? -6.112  8.459   0.124   1.00 39.14 ? 24  THR A O   1 
ATOM   173 C  CB  . THR A 1 24 ? -8.097  6.810   1.700   1.00 40.78 ? 24  THR A CB  1 
ATOM   174 O  OG1 . THR A 1 24 ? -8.404  5.554   2.319   1.00 41.45 ? 24  THR A OG1 1 
ATOM   175 C  CG2 . THR A 1 24 ? -9.336  7.686   1.685   1.00 40.27 ? 24  THR A CG2 1 
ATOM   176 N  N   . PRO A 1 25 ? -7.866  8.448   -1.280  1.00 39.54 ? 25  PRO A N   1 
ATOM   177 C  CA  . PRO A 1 25 ? -7.491  9.734   -1.877  1.00 39.91 ? 25  PRO A CA  1 
ATOM   178 C  C   . PRO A 1 25 ? -7.552  10.845  -0.830  1.00 40.87 ? 25  PRO A C   1 
ATOM   179 O  O   . PRO A 1 25 ? -8.533  10.956  -0.088  1.00 41.11 ? 25  PRO A O   1 
ATOM   180 C  CB  . PRO A 1 25 ? -8.534  9.921   -2.974  1.00 38.83 ? 25  PRO A CB  1 
ATOM   181 C  CG  . PRO A 1 25 ? -8.893  8.521   -3.344  1.00 38.52 ? 25  PRO A CG  1 
ATOM   182 C  CD  . PRO A 1 25 ? -8.999  7.848   -2.003  1.00 38.68 ? 25  PRO A CD  1 
ATOM   183 N  N   . GLY A 1 26 ? -6.500  11.659  -0.770  1.00 41.83 ? 26  GLY A N   1 
ATOM   184 C  CA  . GLY A 1 26 ? -6.451  12.747  0.190   1.00 42.05 ? 26  GLY A CA  1 
ATOM   185 C  C   . GLY A 1 26 ? -6.064  14.063  -0.454  1.00 42.63 ? 26  GLY A C   1 
ATOM   186 O  O   . GLY A 1 26 ? -6.141  14.211  -1.673  1.00 42.88 ? 26  GLY A O   1 
ATOM   187 N  N   . ASP A 1 27 ? -5.638  15.016  0.367   1.00 43.22 ? 27  ASP A N   1 
ATOM   188 C  CA  . ASP A 1 27 ? -5.245  16.340  -0.110  1.00 43.32 ? 27  ASP A CA  1 
ATOM   189 C  C   . ASP A 1 27 ? -4.494  17.039  1.013   1.00 42.74 ? 27  ASP A C   1 
ATOM   190 O  O   . ASP A 1 27 ? -5.041  17.253  2.094   1.00 42.88 ? 27  ASP A O   1 
ATOM   191 C  CB  . ASP A 1 27 ? -6.494  17.146  -0.487  1.00 45.12 ? 27  ASP A CB  1 
ATOM   192 C  CG  . ASP A 1 27 ? -6.171  18.561  -0.938  1.00 47.25 ? 27  ASP A CG  1 
ATOM   193 O  OD1 . ASP A 1 27 ? -5.299  18.726  -1.814  1.00 49.49 ? 27  ASP A OD1 1 
ATOM   194 O  OD2 . ASP A 1 27 ? -6.797  19.512  -0.424  1.00 49.01 ? 27  ASP A OD2 1 
ATOM   195 N  N   . PRO A 1 28 ? -3.235  17.429  0.769   1.00 42.18 ? 28  PRO A N   1 
ATOM   196 C  CA  . PRO A 1 28 ? -2.456  17.299  -0.469  1.00 41.91 ? 28  PRO A CA  1 
ATOM   197 C  C   . PRO A 1 28 ? -1.995  15.896  -0.894  1.00 41.96 ? 28  PRO A C   1 
ATOM   198 O  O   . PRO A 1 28 ? -1.759  15.663  -2.083  1.00 42.33 ? 28  PRO A O   1 
ATOM   199 C  CB  . PRO A 1 28 ? -1.271  18.218  -0.210  1.00 41.41 ? 28  PRO A CB  1 
ATOM   200 C  CG  . PRO A 1 28 ? -1.024  17.988  1.247   1.00 40.70 ? 28  PRO A CG  1 
ATOM   201 C  CD  . PRO A 1 28 ? -2.417  18.041  1.834   1.00 40.97 ? 28  PRO A CD  1 
ATOM   202 N  N   . ILE A 1 29 ? -1.857  14.966  0.050   1.00 40.82 ? 29  ILE A N   1 
ATOM   203 C  CA  . ILE A 1 29 ? -1.390  13.624  -0.307  1.00 39.65 ? 29  ILE A CA  1 
ATOM   204 C  C   . ILE A 1 29 ? -2.347  12.483  0.032   1.00 40.22 ? 29  ILE A C   1 
ATOM   205 O  O   . ILE A 1 29 ? -3.308  12.658  0.784   1.00 41.82 ? 29  ILE A O   1 
ATOM   206 C  CB  . ILE A 1 29 ? -0.019  13.316  0.352   1.00 38.26 ? 29  ILE A CB  1 
ATOM   207 C  CG1 . ILE A 1 29 ? -0.171  13.236  1.877   1.00 37.13 ? 29  ILE A CG1 1 
ATOM   208 C  CG2 . ILE A 1 29 ? 0.994   14.388  -0.031  1.00 36.75 ? 29  ILE A CG2 1 
ATOM   209 C  CD1 . ILE A 1 29 ? 1.128   12.944  2.619   1.00 33.66 ? 29  ILE A CD1 1 
ATOM   210 N  N   . TYR A 1 30 ? -2.074  11.311  -0.535  1.00 38.95 ? 30  TYR A N   1 
ATOM   211 C  CA  . TYR A 1 30 ? -2.889  10.125  -0.304  1.00 37.71 ? 30  TYR A CA  1 
ATOM   212 C  C   . TYR A 1 30 ? -2.431  9.377   0.947   1.00 37.51 ? 30  TYR A C   1 
ATOM   213 O  O   . TYR A 1 30 ? -1.268  9.470   1.348   1.00 37.57 ? 30  TYR A O   1 
ATOM   214 C  CB  . TYR A 1 30 ? -2.824  9.211   -1.524  1.00 37.35 ? 30  TYR A CB  1 
ATOM   215 C  CG  . TYR A 1 30 ? -3.719  9.650   -2.662  1.00 37.49 ? 30  TYR A CG  1 
ATOM   216 C  CD1 . TYR A 1 30 ? -3.851  11.000  -2.994  1.00 37.24 ? 30  TYR A CD1 1 
ATOM   217 C  CD2 . TYR A 1 30 ? -4.427  8.713   -3.420  1.00 36.99 ? 30  TYR A CD2 1 
ATOM   218 C  CE1 . TYR A 1 30 ? -4.667  11.403  -4.051  1.00 36.45 ? 30  TYR A CE1 1 
ATOM   219 C  CE2 . TYR A 1 30 ? -5.242  9.107   -4.481  1.00 36.42 ? 30  TYR A CE2 1 
ATOM   220 C  CZ  . TYR A 1 30 ? -5.354  10.451  -4.788  1.00 36.16 ? 30  TYR A CZ  1 
ATOM   221 O  OH  . TYR A 1 30 ? -6.149  10.846  -5.836  1.00 35.84 ? 30  TYR A OH  1 
ATOM   222 N  N   . VAL A 1 31 ? -3.350  8.631   1.554   1.00 36.79 ? 31  VAL A N   1 
ATOM   223 C  CA  . VAL A 1 31 ? -3.055  7.896   2.780   1.00 36.09 ? 31  VAL A CA  1 
ATOM   224 C  C   . VAL A 1 31 ? -3.313  6.389   2.688   1.00 36.64 ? 31  VAL A C   1 
ATOM   225 O  O   . VAL A 1 31 ? -4.333  5.956   2.144   1.00 37.42 ? 31  VAL A O   1 
ATOM   226 C  CB  . VAL A 1 31 ? -3.892  8.447   3.951   1.00 34.53 ? 31  VAL A CB  1 
ATOM   227 C  CG1 . VAL A 1 31 ? -3.380  7.879   5.262   1.00 34.63 ? 31  VAL A CG1 1 
ATOM   228 C  CG2 . VAL A 1 31 ? -3.849  9.969   3.953   1.00 33.13 ? 31  VAL A CG2 1 
ATOM   229 N  N   . ILE A 1 32 ? -2.386  5.598   3.226   1.00 35.84 ? 32  ILE A N   1 
ATOM   230 C  CA  . ILE A 1 32 ? -2.516  4.144   3.230   1.00 35.98 ? 32  ILE A CA  1 
ATOM   231 C  C   . ILE A 1 32 ? -2.951  3.669   4.614   1.00 37.18 ? 32  ILE A C   1 
ATOM   232 O  O   . ILE A 1 32 ? -2.462  4.163   5.631   1.00 37.58 ? 32  ILE A O   1 
ATOM   233 C  CB  . ILE A 1 32 ? -1.179  3.440   2.891   1.00 35.04 ? 32  ILE A CB  1 
ATOM   234 C  CG1 . ILE A 1 32 ? -0.849  3.618   1.409   1.00 34.20 ? 32  ILE A CG1 1 
ATOM   235 C  CG2 . ILE A 1 32 ? -1.254  1.959   3.260   1.00 32.48 ? 32  ILE A CG2 1 
ATOM   236 C  CD1 . ILE A 1 32 ? 0.473   2.976   1.003   1.00 33.07 ? 32  ILE A CD1 1 
ATOM   237 N  N   . ASP A 1 33 ? -3.874  2.714   4.652   1.00 37.86 ? 33  ASP A N   1 
ATOM   238 C  CA  . ASP A 1 33 ? -4.339  2.177   5.917   1.00 39.01 ? 33  ASP A CA  1 
ATOM   239 C  C   . ASP A 1 33 ? -3.413  1.017   6.242   1.00 38.73 ? 33  ASP A C   1 
ATOM   240 O  O   . ASP A 1 33 ? -3.492  -0.039  5.614   1.00 38.83 ? 33  ASP A O   1 
ATOM   241 C  CB  . ASP A 1 33 ? -5.773  1.666   5.787   1.00 42.36 ? 33  ASP A CB  1 
ATOM   242 C  CG  . ASP A 1 33 ? -6.413  1.364   7.138   1.00 45.55 ? 33  ASP A CG  1 
ATOM   243 O  OD1 . ASP A 1 33 ? -5.703  0.850   8.034   1.00 45.68 ? 33  ASP A OD1 1 
ATOM   244 O  OD2 . ASP A 1 33 ? -7.630  1.634   7.294   1.00 46.80 ? 33  ASP A OD2 1 
ATOM   245 N  N   . PRO A 1 34 ? -2.512  1.198   7.218   1.00 38.35 ? 34  PRO A N   1 
ATOM   246 C  CA  . PRO A 1 34 ? -1.587  0.118   7.578   1.00 39.21 ? 34  PRO A CA  1 
ATOM   247 C  C   . PRO A 1 34 ? -2.325  -1.184  7.889   1.00 40.17 ? 34  PRO A C   1 
ATOM   248 O  O   . PRO A 1 34 ? -1.762  -2.278  7.796   1.00 40.31 ? 34  PRO A O   1 
ATOM   249 C  CB  . PRO A 1 34 ? -0.837  0.690   8.788   1.00 38.17 ? 34  PRO A CB  1 
ATOM   250 C  CG  . PRO A 1 34 ? -1.809  1.668   9.367   1.00 37.35 ? 34  PRO A CG  1 
ATOM   251 C  CD  . PRO A 1 34 ? -2.389  2.331   8.148   1.00 37.17 ? 34  PRO A CD  1 
ATOM   252 N  N   . THR A 1 35 ? -3.597  -1.044  8.242   1.00 41.19 ? 35  THR A N   1 
ATOM   253 C  CA  . THR A 1 35 ? -4.461  -2.172  8.564   1.00 42.54 ? 35  THR A CA  1 
ATOM   254 C  C   . THR A 1 35 ? -4.805  -3.026  7.342   1.00 43.67 ? 35  THR A C   1 
ATOM   255 O  O   . THR A 1 35 ? -4.949  -4.248  7.445   1.00 43.98 ? 35  THR A O   1 
ATOM   256 C  CB  . THR A 1 35 ? -5.765  -1.660  9.212   1.00 42.38 ? 35  THR A CB  1 
ATOM   257 O  OG1 . THR A 1 35 ? -5.548  -1.485  10.614  1.00 42.85 ? 35  THR A OG1 1 
ATOM   258 C  CG2 . THR A 1 35 ? -6.928  -2.616  8.972   1.00 42.32 ? 35  THR A CG2 1 
ATOM   259 N  N   . LYS A 1 36 ? -4.925  -2.379  6.186   1.00 44.22 ? 36  LYS A N   1 
ATOM   260 C  CA  . LYS A 1 36 ? -5.282  -3.071  4.956   1.00 44.32 ? 36  LYS A CA  1 
ATOM   261 C  C   . LYS A 1 36 ? -4.114  -3.352  4.011   1.00 44.03 ? 36  LYS A C   1 
ATOM   262 O  O   . LYS A 1 36 ? -4.256  -4.131  3.066   1.00 44.05 ? 36  LYS A O   1 
ATOM   263 C  CB  . LYS A 1 36 ? -6.352  -2.263  4.219   1.00 45.70 ? 36  LYS A CB  1 
ATOM   264 C  CG  . LYS A 1 36 ? -7.547  -1.919  5.089   1.00 48.75 ? 36  LYS A CG  1 
ATOM   265 C  CD  . LYS A 1 36 ? -8.493  -0.974  4.373   1.00 52.87 ? 36  LYS A CD  1 
ATOM   266 C  CE  . LYS A 1 36 ? -9.592  -0.471  5.303   1.00 54.88 ? 36  LYS A CE  1 
ATOM   267 N  NZ  . LYS A 1 36 ? -10.487 0.517   4.630   1.00 56.41 ? 36  LYS A NZ  1 
ATOM   268 N  N   . CYS A 1 37 ? -2.964  -2.731  4.253   1.00 43.10 ? 37  CYS A N   1 
ATOM   269 C  CA  . CYS A 1 37 ? -1.820  -2.948  3.375   1.00 42.89 ? 37  CYS A CA  1 
ATOM   270 C  C   . CYS A 1 37 ? -1.026  -4.192  3.740   1.00 43.79 ? 37  CYS A C   1 
ATOM   271 O  O   . CYS A 1 37 ? -0.377  -4.237  4.783   1.00 43.44 ? 37  CYS A O   1 
ATOM   272 C  CB  . CYS A 1 37 ? -0.887  -1.734  3.391   1.00 42.20 ? 37  CYS A CB  1 
ATOM   273 S  SG  . CYS A 1 37 ? 0.628   -1.951  2.414   1.00 37.23 ? 37  CYS A SG  1 
ATOM   274 N  N   . SER A 1 38 ? -1.078  -5.198  2.869   1.00 45.25 ? 38  SER A N   1 
ATOM   275 C  CA  . SER A 1 38 ? -0.354  -6.449  3.085   1.00 46.37 ? 38  SER A CA  1 
ATOM   276 C  C   . SER A 1 38 ? 0.895   -6.465  2.213   1.00 47.43 ? 38  SER A C   1 
ATOM   277 O  O   . SER A 1 38 ? 1.536   -7.506  2.040   1.00 47.66 ? 38  SER A O   1 
ATOM   278 C  CB  . SER A 1 38 ? -1.233  -7.644  2.715   1.00 46.45 ? 38  SER A CB  1 
ATOM   279 O  OG  . SER A 1 38 ? -1.469  -7.687  1.316   1.00 45.40 ? 38  SER A OG  1 
ATOM   280 N  N   . GLU A 1 39 ? 1.232   -5.303  1.663   1.00 48.19 ? 39  GLU A N   1 
ATOM   281 C  CA  . GLU A 1 39 ? 2.390   -5.170  0.789   1.00 48.93 ? 39  GLU A CA  1 
ATOM   282 C  C   . GLU A 1 39 ? 2.220   -6.057  -0.441  1.00 49.11 ? 39  GLU A C   1 
ATOM   283 O  O   . GLU A 1 39 ? 3.197   -6.499  -1.050  1.00 49.85 ? 39  GLU A O   1 
ATOM   284 C  CB  . GLU A 1 39 ? 3.674   -5.517  1.553   1.00 48.00 ? 39  GLU A CB  1 
ATOM   285 C  CG  . GLU A 1 39 ? 4.036   -4.452  2.583   1.00 48.18 ? 39  GLU A CG  1 
ATOM   286 C  CD  . GLU A 1 39 ? 5.348   -4.717  3.285   1.00 47.94 ? 39  GLU A CD  1 
ATOM   287 O  OE1 . GLU A 1 39 ? 6.340   -5.020  2.588   1.00 47.42 ? 39  GLU A OE1 1 
ATOM   288 O  OE2 . GLU A 1 39 ? 5.388   -4.608  4.532   1.00 47.82 ? 39  GLU A OE2 1 
ATOM   289 N  N   . CYS A 1 40 ? 0.960   -6.295  -0.796  1.00 48.80 ? 40  CYS A N   1 
ATOM   290 C  CA  . CYS A 1 40 ? 0.589   -7.115  -1.941  1.00 48.73 ? 40  CYS A CA  1 
ATOM   291 C  C   . CYS A 1 40 ? 0.823   -8.613  -1.771  1.00 49.28 ? 40  CYS A C   1 
ATOM   292 O  O   . CYS A 1 40 ? 0.505   -9.389  -2.675  1.00 49.21 ? 40  CYS A O   1 
ATOM   293 C  CB  . CYS A 1 40 ? 1.304   -6.627  -3.204  1.00 48.73 ? 40  CYS A CB  1 
ATOM   294 S  SG  . CYS A 1 40 ? 0.480   -5.247  -4.023  1.00 48.27 ? 40  CYS A SG  1 
ATOM   295 N  N   . VAL A 1 41 ? 1.376   -9.031  -0.633  1.00 49.78 ? 41  VAL A N   1 
ATOM   296 C  CA  . VAL A 1 41 ? 1.598   -10.462 -0.420  1.00 50.44 ? 41  VAL A CA  1 
ATOM   297 C  C   . VAL A 1 41 ? 0.220   -11.110 -0.434  1.00 50.05 ? 41  VAL A C   1 
ATOM   298 O  O   . VAL A 1 41 ? -0.762  -10.502 0.003   1.00 51.07 ? 41  VAL A O   1 
ATOM   299 C  CB  . VAL A 1 41 ? 2.284   -10.767 0.932   1.00 50.32 ? 41  VAL A CB  1 
ATOM   300 C  CG1 . VAL A 1 41 ? 3.471   -9.847  1.127   1.00 50.56 ? 41  VAL A CG1 1 
ATOM   301 C  CG2 . VAL A 1 41 ? 1.293   -10.630 2.070   1.00 51.65 ? 41  VAL A CG2 1 
ATOM   302 N  N   . GLY A 1 42 ? 0.142   -12.335 -0.936  1.00 48.85 ? 42  GLY A N   1 
ATOM   303 C  CA  . GLY A 1 42 ? -1.143  -13.001 -1.010  1.00 47.38 ? 42  GLY A CA  1 
ATOM   304 C  C   . GLY A 1 42 ? -1.866  -12.559 -2.269  1.00 46.49 ? 42  GLY A C   1 
ATOM   305 O  O   . GLY A 1 42 ? -2.974  -13.015 -2.553  1.00 46.69 ? 42  GLY A O   1 
ATOM   306 N  N   . ALA A 1 43 ? -1.233  -11.669 -3.029  1.00 45.74 ? 43  ALA A N   1 
ATOM   307 C  CA  . ALA A 1 43 ? -1.811  -11.162 -4.269  1.00 44.50 ? 43  ALA A CA  1 
ATOM   308 C  C   . ALA A 1 43 ? -0.783  -11.098 -5.391  1.00 44.13 ? 43  ALA A C   1 
ATOM   309 O  O   . ALA A 1 43 ? -1.035  -11.590 -6.488  1.00 44.87 ? 43  ALA A O   1 
ATOM   310 C  CB  . ALA A 1 43 ? -2.416  -9.787  -4.040  1.00 44.34 ? 43  ALA A CB  1 
ATOM   311 N  N   . PHE A 1 44 ? 0.369   -10.488 -5.126  1.00 43.60 ? 44  PHE A N   1 
ATOM   312 C  CA  . PHE A 1 44 ? 1.418   -10.371 -6.138  1.00 43.19 ? 44  PHE A CA  1 
ATOM   313 C  C   . PHE A 1 44 ? 2.803   -10.547 -5.545  1.00 43.79 ? 44  PHE A C   1 
ATOM   314 O  O   . PHE A 1 44 ? 2.953   -10.697 -4.333  1.00 44.24 ? 44  PHE A O   1 
ATOM   315 C  CB  . PHE A 1 44 ? 1.372   -9.004  -6.826  1.00 41.96 ? 44  PHE A CB  1 
ATOM   316 C  CG  . PHE A 1 44 ? 0.068   -8.703  -7.498  1.00 39.98 ? 44  PHE A CG  1 
ATOM   317 C  CD1 . PHE A 1 44 ? -0.971  -8.116  -6.788  1.00 39.53 ? 44  PHE A CD1 1 
ATOM   318 C  CD2 . PHE A 1 44 ? -0.118  -9.005  -8.841  1.00 39.29 ? 44  PHE A CD2 1 
ATOM   319 C  CE1 . PHE A 1 44 ? -2.178  -7.830  -7.407  1.00 39.89 ? 44  PHE A CE1 1 
ATOM   320 C  CE2 . PHE A 1 44 ? -1.319  -8.725  -9.470  1.00 39.47 ? 44  PHE A CE2 1 
ATOM   321 C  CZ  . PHE A 1 44 ? -2.353  -8.135  -8.753  1.00 40.29 ? 44  PHE A CZ  1 
ATOM   322 N  N   . ASP A 1 45 ? 3.812   -10.507 -6.409  1.00 44.49 ? 45  ASP A N   1 
ATOM   323 C  CA  . ASP A 1 45 ? 5.200   -10.652 -5.981  1.00 45.70 ? 45  ASP A CA  1 
ATOM   324 C  C   . ASP A 1 45 ? 5.832   -9.321  -5.610  1.00 45.06 ? 45  ASP A C   1 
ATOM   325 O  O   . ASP A 1 45 ? 6.838   -9.275  -4.907  1.00 45.15 ? 45  ASP A O   1 
ATOM   326 C  CB  . ASP A 1 45 ? 6.025   -11.312 -7.082  1.00 47.48 ? 45  ASP A CB  1 
ATOM   327 C  CG  . ASP A 1 45 ? 5.969   -12.819 -7.017  1.00 50.45 ? 45  ASP A CG  1 
ATOM   328 O  OD1 . ASP A 1 45 ? 4.849   -13.362 -6.899  1.00 50.90 ? 45  ASP A OD1 1 
ATOM   329 O  OD2 . ASP A 1 45 ? 7.045   -13.458 -7.081  1.00 52.80 ? 45  ASP A OD2 1 
ATOM   330 N  N   . GLU A 1 46 ? 5.239   -8.237  -6.090  1.00 44.68 ? 46  GLU A N   1 
ATOM   331 C  CA  . GLU A 1 46 ? 5.752   -6.907  -5.805  1.00 43.93 ? 46  GLU A CA  1 
ATOM   332 C  C   . GLU A 1 46 ? 4.589   -5.960  -5.544  1.00 41.81 ? 46  GLU A C   1 
ATOM   333 O  O   . GLU A 1 46 ? 3.515   -6.111  -6.131  1.00 40.49 ? 46  GLU A O   1 
ATOM   334 C  CB  . GLU A 1 46 ? 6.586   -6.382  -6.990  1.00 46.73 ? 46  GLU A CB  1 
ATOM   335 C  CG  . GLU A 1 46 ? 6.777   -7.358  -8.153  1.00 50.23 ? 46  GLU A CG  1 
ATOM   336 C  CD  . GLU A 1 46 ? 5.475   -7.678  -8.889  1.00 54.09 ? 46  GLU A CD  1 
ATOM   337 O  OE1 . GLU A 1 46 ? 4.846   -6.741  -9.430  1.00 56.10 ? 46  GLU A OE1 1 
ATOM   338 O  OE2 . GLU A 1 46 ? 5.078   -8.868  -8.929  1.00 55.98 ? 46  GLU A OE2 1 
ATOM   339 N  N   . PRO A 1 47 ? 4.776   -4.988  -4.633  1.00 40.09 ? 47  PRO A N   1 
ATOM   340 C  CA  . PRO A 1 47 ? 3.685   -4.047  -4.362  1.00 38.40 ? 47  PRO A CA  1 
ATOM   341 C  C   . PRO A 1 47 ? 3.311   -3.313  -5.657  1.00 36.86 ? 47  PRO A C   1 
ATOM   342 O  O   . PRO A 1 47 ? 4.141   -2.639  -6.268  1.00 36.77 ? 47  PRO A O   1 
ATOM   343 C  CB  . PRO A 1 47 ? 4.267   -3.135  -3.274  1.00 37.61 ? 47  PRO A CB  1 
ATOM   344 C  CG  . PRO A 1 47 ? 5.756   -3.318  -3.386  1.00 37.39 ? 47  PRO A CG  1 
ATOM   345 C  CD  . PRO A 1 47 ? 5.899   -4.773  -3.706  1.00 38.26 ? 47  PRO A CD  1 
ATOM   346 N  N   . GLN A 1 48 ? 2.057   -3.470  -6.068  1.00 35.12 ? 48  GLN A N   1 
ATOM   347 C  CA  . GLN A 1 48 ? 1.556   -2.881  -7.305  1.00 34.94 ? 48  GLN A CA  1 
ATOM   348 C  C   . GLN A 1 48 ? 1.483   -1.360  -7.366  1.00 35.04 ? 48  GLN A C   1 
ATOM   349 O  O   . GLN A 1 48 ? 1.654   -0.779  -8.436  1.00 35.57 ? 48  GLN A O   1 
ATOM   350 C  CB  . GLN A 1 48 ? 0.171   -3.453  -7.630  1.00 33.92 ? 48  GLN A CB  1 
ATOM   351 C  CG  . GLN A 1 48 ? 0.120   -4.977  -7.678  1.00 33.66 ? 48  GLN A CG  1 
ATOM   352 C  CD  . GLN A 1 48 ? 1.045   -5.566  -8.727  1.00 33.84 ? 48  GLN A CD  1 
ATOM   353 O  OE1 . GLN A 1 48 ? 0.881   -5.324  -9.920  1.00 33.76 ? 48  GLN A OE1 1 
ATOM   354 N  NE2 . GLN A 1 48 ? 2.027   -6.343  -8.283  1.00 34.32 ? 48  GLN A NE2 1 
ATOM   355 N  N   . CYS A 1 49 ? 1.226   -0.709  -6.237  1.00 34.60 ? 49  CYS A N   1 
ATOM   356 C  CA  . CYS A 1 49 ? 1.114   0.743   -6.242  1.00 34.46 ? 49  CYS A CA  1 
ATOM   357 C  C   . CYS A 1 49 ? 2.405   1.423   -6.694  1.00 35.29 ? 49  CYS A C   1 
ATOM   358 O  O   . CYS A 1 49 ? 2.369   2.425   -7.410  1.00 36.00 ? 49  CYS A O   1 
ATOM   359 C  CB  . CYS A 1 49 ? 0.694   1.253   -4.859  1.00 34.07 ? 49  CYS A CB  1 
ATOM   360 S  SG  . CYS A 1 49 ? 1.784   0.779   -3.507  1.00 32.99 ? 49  CYS A SG  1 
ATOM   361 N  N   . ARG A 1 50 ? 3.545   0.875   -6.294  1.00 35.51 ? 50  ARG A N   1 
ATOM   362 C  CA  . ARG A 1 50 ? 4.823   1.456   -6.684  1.00 36.55 ? 50  ARG A CA  1 
ATOM   363 C  C   . ARG A 1 50 ? 5.054   1.416   -8.200  1.00 37.79 ? 50  ARG A C   1 
ATOM   364 O  O   . ARG A 1 50 ? 5.606   2.362   -8.777  1.00 38.65 ? 50  ARG A O   1 
ATOM   365 C  CB  . ARG A 1 50 ? 5.970   0.734   -5.978  1.00 35.95 ? 50  ARG A CB  1 
ATOM   366 C  CG  . ARG A 1 50 ? 6.085   1.046   -4.501  1.00 35.22 ? 50  ARG A CG  1 
ATOM   367 C  CD  . ARG A 1 50 ? 7.222   0.263   -3.874  1.00 34.92 ? 50  ARG A CD  1 
ATOM   368 N  NE  . ARG A 1 50 ? 7.362   0.537   -2.447  1.00 35.53 ? 50  ARG A NE  1 
ATOM   369 C  CZ  . ARG A 1 50 ? 8.129   -0.175  -1.628  1.00 35.69 ? 50  ARG A CZ  1 
ATOM   370 N  NH1 . ARG A 1 50 ? 8.819   -1.199  -2.104  1.00 36.13 ? 50  ARG A NH1 1 
ATOM   371 N  NH2 . ARG A 1 50 ? 8.206   0.130   -0.338  1.00 35.16 ? 50  ARG A NH2 1 
ATOM   372 N  N   . LEU A 1 51 ? 4.628   0.329   -8.840  1.00 38.02 ? 51  LEU A N   1 
ATOM   373 C  CA  . LEU A 1 51 ? 4.805   0.171   -10.283 1.00 38.38 ? 51  LEU A CA  1 
ATOM   374 C  C   . LEU A 1 51 ? 4.206   1.299   -11.119 1.00 38.77 ? 51  LEU A C   1 
ATOM   375 O  O   . LEU A 1 51 ? 4.612   1.493   -12.264 1.00 39.40 ? 51  LEU A O   1 
ATOM   376 C  CB  . LEU A 1 51 ? 4.215   -1.159  -10.754 1.00 38.57 ? 51  LEU A CB  1 
ATOM   377 C  CG  . LEU A 1 51 ? 4.780   -2.428  -10.111 1.00 38.85 ? 51  LEU A CG  1 
ATOM   378 C  CD1 . LEU A 1 51 ? 4.043   -3.644  -10.670 1.00 39.04 ? 51  LEU A CD1 1 
ATOM   379 C  CD2 . LEU A 1 51 ? 6.275   -2.525  -10.372 1.00 37.09 ? 51  LEU A CD2 1 
ATOM   380 N  N   . VAL A 1 52 ? 3.243   2.036   -10.569 1.00 38.48 ? 52  VAL A N   1 
ATOM   381 C  CA  . VAL A 1 52 ? 2.632   3.137   -11.316 1.00 38.80 ? 52  VAL A CA  1 
ATOM   382 C  C   . VAL A 1 52 ? 2.895   4.491   -10.675 1.00 39.41 ? 52  VAL A C   1 
ATOM   383 O  O   . VAL A 1 52 ? 2.469   5.522   -11.201 1.00 39.38 ? 52  VAL A O   1 
ATOM   384 C  CB  . VAL A 1 52 ? 1.100   2.984   -11.440 1.00 38.46 ? 52  VAL A CB  1 
ATOM   385 C  CG1 . VAL A 1 52 ? 0.759   1.687   -12.158 1.00 38.65 ? 52  VAL A CG1 1 
ATOM   386 C  CG2 . VAL A 1 52 ? 0.457   3.039   -10.055 1.00 38.24 ? 52  VAL A CG2 1 
ATOM   387 N  N   . CYS A 1 53 ? 3.588   4.499   -9.541  1.00 39.60 ? 53  CYS A N   1 
ATOM   388 C  CA  . CYS A 1 53 ? 3.859   5.759   -8.866  1.00 40.79 ? 53  CYS A CA  1 
ATOM   389 C  C   . CYS A 1 53 ? 5.023   6.534   -9.465  1.00 40.66 ? 53  CYS A C   1 
ATOM   390 O  O   . CYS A 1 53 ? 6.161   6.069   -9.457  1.00 40.55 ? 53  CYS A O   1 
ATOM   391 C  CB  . CYS A 1 53 ? 4.123   5.537   -7.381  1.00 41.29 ? 53  CYS A CB  1 
ATOM   392 S  SG  . CYS A 1 53 ? 4.655   7.064   -6.558  1.00 43.15 ? 53  CYS A SG  1 
ATOM   393 N  N   . PRO A 1 54 ? 4.747   7.742   -9.983  1.00 41.25 ? 54  PRO A N   1 
ATOM   394 C  CA  . PRO A 1 54 ? 5.764   8.603   -10.593 1.00 41.89 ? 54  PRO A CA  1 
ATOM   395 C  C   . PRO A 1 54 ? 6.638   9.339   -9.580  1.00 42.79 ? 54  PRO A C   1 
ATOM   396 O  O   . PRO A 1 54 ? 7.825   9.564   -9.822  1.00 43.46 ? 54  PRO A O   1 
ATOM   397 C  CB  . PRO A 1 54 ? 4.935   9.564   -11.437 1.00 41.17 ? 54  PRO A CB  1 
ATOM   398 C  CG  . PRO A 1 54 ? 3.707   9.743   -10.603 1.00 40.65 ? 54  PRO A CG  1 
ATOM   399 C  CD  . PRO A 1 54 ? 3.400   8.327   -10.145 1.00 41.04 ? 54  PRO A CD  1 
ATOM   400 N  N   . ALA A 1 55 ? 6.053   9.708   -8.446  1.00 43.14 ? 55  ALA A N   1 
ATOM   401 C  CA  . ALA A 1 55 ? 6.786   10.439  -7.418  1.00 43.59 ? 55  ALA A CA  1 
ATOM   402 C  C   . ALA A 1 55 ? 7.715   9.563   -6.584  1.00 44.06 ? 55  ALA A C   1 
ATOM   403 O  O   . ALA A 1 55 ? 8.500   10.078  -5.785  1.00 43.64 ? 55  ALA A O   1 
ATOM   404 C  CB  . ALA A 1 55 ? 5.809   11.169  -6.506  1.00 43.97 ? 55  ALA A CB  1 
ATOM   405 N  N   . ASP A 1 56 ? 7.630   8.247   -6.768  1.00 44.85 ? 56  ASP A N   1 
ATOM   406 C  CA  . ASP A 1 56 ? 8.471   7.324   -6.006  1.00 45.32 ? 56  ASP A CA  1 
ATOM   407 C  C   . ASP A 1 56 ? 8.337   7.720   -4.531  1.00 44.09 ? 56  ASP A C   1 
ATOM   408 O  O   . ASP A 1 56 ? 9.327   8.038   -3.867  1.00 43.73 ? 56  ASP A O   1 
ATOM   409 C  CB  . ASP A 1 56 ? 9.927   7.468   -6.460  1.00 47.87 ? 56  ASP A CB  1 
ATOM   410 C  CG  . ASP A 1 56 ? 10.819  6.356   -5.942  1.00 50.68 ? 56  ASP A CG  1 
ATOM   411 O  OD1 . ASP A 1 56 ? 10.862  6.132   -4.712  1.00 51.40 ? 56  ASP A OD1 1 
ATOM   412 O  OD2 . ASP A 1 56 ? 11.488  5.706   -6.773  1.00 53.66 ? 56  ASP A OD2 1 
ATOM   413 N  N   . CYS A 1 57 ? 7.107   7.694   -4.024  1.00 42.40 ? 57  CYS A N   1 
ATOM   414 C  CA  . CYS A 1 57 ? 6.843   8.104   -2.645  1.00 41.47 ? 57  CYS A CA  1 
ATOM   415 C  C   . CYS A 1 57 ? 6.105   7.094   -1.768  1.00 40.49 ? 57  CYS A C   1 
ATOM   416 O  O   . CYS A 1 57 ? 5.282   7.481   -0.937  1.00 38.93 ? 57  CYS A O   1 
ATOM   417 C  CB  . CYS A 1 57 ? 6.053   9.414   -2.666  1.00 41.82 ? 57  CYS A CB  1 
ATOM   418 S  SG  . CYS A 1 57 ? 4.538   9.333   -3.667  1.00 38.97 ? 57  CYS A SG  1 
ATOM   419 N  N   . ILE A 1 58 ? 6.408   5.809   -1.936  1.00 39.71 ? 58  ILE A N   1 
ATOM   420 C  CA  . ILE A 1 58 ? 5.748   4.764   -1.157  1.00 38.31 ? 58  ILE A CA  1 
ATOM   421 C  C   . ILE A 1 58 ? 6.774   3.881   -0.441  1.00 37.54 ? 58  ILE A C   1 
ATOM   422 O  O   . ILE A 1 58 ? 6.931   2.696   -0.756  1.00 36.97 ? 58  ILE A O   1 
ATOM   423 C  CB  . ILE A 1 58 ? 4.860   3.886   -2.070  1.00 38.33 ? 58  ILE A CB  1 
ATOM   424 C  CG1 . ILE A 1 58 ? 4.013   4.777   -2.983  1.00 38.72 ? 58  ILE A CG1 1 
ATOM   425 C  CG2 . ILE A 1 58 ? 3.945   3.012   -1.228  1.00 37.73 ? 58  ILE A CG2 1 
ATOM   426 C  CD1 . ILE A 1 58 ? 3.219   4.011   -4.022  1.00 39.91 ? 58  ILE A CD1 1 
ATOM   427 N  N   . PRO A 1 59 ? 7.488   4.454   0.539   1.00 36.73 ? 59  PRO A N   1 
ATOM   428 C  CA  . PRO A 1 59 ? 8.501   3.718   1.301   1.00 36.90 ? 59  PRO A CA  1 
ATOM   429 C  C   . PRO A 1 59 ? 7.912   2.722   2.298   1.00 37.65 ? 59  PRO A C   1 
ATOM   430 O  O   . PRO A 1 59 ? 6.696   2.672   2.491   1.00 37.11 ? 59  PRO A O   1 
ATOM   431 C  CB  . PRO A 1 59 ? 9.275   4.835   1.990   1.00 35.99 ? 59  PRO A CB  1 
ATOM   432 C  CG  . PRO A 1 59 ? 8.211   5.854   2.237   1.00 34.88 ? 59  PRO A CG  1 
ATOM   433 C  CD  . PRO A 1 59 ? 7.463   5.873   0.933   1.00 34.90 ? 59  PRO A CD  1 
ATOM   434 N  N   . ASP A 1 60 ? 8.781   1.926   2.918   1.00 38.42 ? 60  ASP A N   1 
ATOM   435 C  CA  . ASP A 1 60 ? 8.344   0.948   3.906   1.00 39.00 ? 60  ASP A CA  1 
ATOM   436 C  C   . ASP A 1 60 ? 8.083   1.709   5.195   1.00 39.11 ? 60  ASP A C   1 
ATOM   437 O  O   . ASP A 1 60 ? 8.874   2.567   5.575   1.00 38.86 ? 60  ASP A O   1 
ATOM   438 C  CB  . ASP A 1 60 ? 9.426   -0.108  4.158   1.00 41.16 ? 60  ASP A CB  1 
ATOM   439 C  CG  . ASP A 1 60 ? 9.867   -0.819  2.889   1.00 43.72 ? 60  ASP A CG  1 
ATOM   440 O  OD1 . ASP A 1 60 ? 9.013   -1.106  2.026   1.00 46.71 ? 60  ASP A OD1 1 
ATOM   441 O  OD2 . ASP A 1 60 ? 11.076  -1.110  2.759   1.00 45.19 ? 60  ASP A OD2 1 
ATOM   442 N  N   . ASN A 1 61 ? 6.977   1.403   5.865   1.00 39.54 ? 61  ASN A N   1 
ATOM   443 C  CA  . ASN A 1 61 ? 6.649   2.084   7.111   1.00 39.78 ? 61  ASN A CA  1 
ATOM   444 C  C   . ASN A 1 61 ? 7.377   1.446   8.294   1.00 40.40 ? 61  ASN A C   1 
ATOM   445 O  O   . ASN A 1 61 ? 6.990   0.374   8.769   1.00 40.08 ? 61  ASN A O   1 
ATOM   446 C  CB  . ASN A 1 61 ? 5.147   2.033   7.370   1.00 39.43 ? 61  ASN A CB  1 
ATOM   447 C  CG  . ASN A 1 61 ? 4.728   2.956   8.491   1.00 39.51 ? 61  ASN A CG  1 
ATOM   448 O  OD1 . ASN A 1 61 ? 5.449   3.119   9.473   1.00 39.42 ? 61  ASN A OD1 1 
ATOM   449 N  ND2 . ASN A 1 61 ? 3.554   3.563   8.355   1.00 39.76 ? 61  ASN A ND2 1 
ATOM   450 N  N   . PRO A 1 62 ? 8.435   2.104   8.794   1.00 40.34 ? 62  PRO A N   1 
ATOM   451 C  CA  . PRO A 1 62 ? 9.188   1.559   9.926   1.00 41.15 ? 62  PRO A CA  1 
ATOM   452 C  C   . PRO A 1 62 ? 8.320   1.276   11.156  1.00 43.24 ? 62  PRO A C   1 
ATOM   453 O  O   . PRO A 1 62 ? 8.719   0.511   12.035  1.00 44.07 ? 62  PRO A O   1 
ATOM   454 C  CB  . PRO A 1 62 ? 10.248  2.630   10.180  1.00 39.90 ? 62  PRO A CB  1 
ATOM   455 C  CG  . PRO A 1 62 ? 9.592   3.882   9.713   1.00 38.36 ? 62  PRO A CG  1 
ATOM   456 C  CD  . PRO A 1 62 ? 8.925   3.447   8.439   1.00 39.08 ? 62  PRO A CD  1 
ATOM   457 N  N   . ASP A 1 63 ? 7.139   1.892   11.210  1.00 44.63 ? 63  ASP A N   1 
ATOM   458 C  CA  . ASP A 1 63 ? 6.213   1.697   12.324  1.00 46.74 ? 63  ASP A CA  1 
ATOM   459 C  C   . ASP A 1 63 ? 5.525   0.344   12.186  1.00 48.93 ? 63  ASP A C   1 
ATOM   460 O  O   . ASP A 1 63 ? 4.896   -0.143  13.126  1.00 49.45 ? 63  ASP A O   1 
ATOM   461 C  CB  . ASP A 1 63 ? 5.145   2.792   12.338  1.00 47.38 ? 63  ASP A CB  1 
ATOM   462 C  CG  . ASP A 1 63 ? 5.712   4.165   12.638  1.00 48.68 ? 63  ASP A CG  1 
ATOM   463 O  OD1 . ASP A 1 63 ? 6.762   4.511   12.057  1.00 50.91 ? 63  ASP A OD1 1 
ATOM   464 O  OD2 . ASP A 1 63 ? 5.099   4.903   13.446  1.00 47.77 ? 63  ASP A OD2 1 
ATOM   465 N  N   . TYR A 1 64 ? 5.633   -0.255  11.005  1.00 51.11 ? 64  TYR A N   1 
ATOM   466 C  CA  . TYR A 1 64 ? 5.018   -1.553  10.755  1.00 52.31 ? 64  TYR A CA  1 
ATOM   467 C  C   . TYR A 1 64 ? 5.922   -2.481  9.957   1.00 53.88 ? 64  TYR A C   1 
ATOM   468 O  O   . TYR A 1 64 ? 5.675   -2.721  8.774   1.00 53.79 ? 64  TYR A O   1 
ATOM   469 C  CB  . TYR A 1 64 ? 3.696   -1.391  10.000  1.00 51.61 ? 64  TYR A CB  1 
ATOM   470 C  CG  . TYR A 1 64 ? 2.660   -0.567  10.720  1.00 50.30 ? 64  TYR A CG  1 
ATOM   471 C  CD1 . TYR A 1 64 ? 2.716   0.826   10.708  1.00 49.46 ? 64  TYR A CD1 1 
ATOM   472 C  CD2 . TYR A 1 64 ? 1.620   -1.179  11.418  1.00 49.66 ? 64  TYR A CD2 1 
ATOM   473 C  CE1 . TYR A 1 64 ? 1.760   1.587   11.374  1.00 49.24 ? 64  TYR A CE1 1 
ATOM   474 C  CE2 . TYR A 1 64 ? 0.659   -0.429  12.089  1.00 48.50 ? 64  TYR A CE2 1 
ATOM   475 C  CZ  . TYR A 1 64 ? 0.736   0.950   12.064  1.00 48.77 ? 64  TYR A CZ  1 
ATOM   476 O  OH  . TYR A 1 64 ? -0.198  1.693   12.743  1.00 49.10 ? 64  TYR A OH  1 
ATOM   477 N  N   . ARG A 1 65 ? 6.962   -3.001  10.597  1.00 56.12 ? 65  ARG A N   1 
ATOM   478 C  CA  . ARG A 1 65 ? 7.869   -3.923  9.925   1.00 58.87 ? 65  ARG A CA  1 
ATOM   479 C  C   . ARG A 1 65 ? 7.338   -5.338  10.134  1.00 59.84 ? 65  ARG A C   1 
ATOM   480 O  O   . ARG A 1 65 ? 7.858   -6.100  10.949  1.00 60.22 ? 65  ARG A O   1 
ATOM   481 C  CB  . ARG A 1 65 ? 9.271   -3.805  10.505  1.00 59.91 ? 65  ARG A CB  1 
ATOM   482 C  CG  . ARG A 1 65 ? 9.789   -2.391  10.548  1.00 63.96 ? 65  ARG A CG  1 
ATOM   483 C  CD  . ARG A 1 65 ? 11.102  -2.349  11.300  1.00 68.08 ? 65  ARG A CD  1 
ATOM   484 N  NE  . ARG A 1 65 ? 11.504  -0.993  11.650  1.00 71.19 ? 65  ARG A NE  1 
ATOM   485 C  CZ  . ARG A 1 65 ? 12.552  -0.712  12.417  1.00 73.51 ? 65  ARG A CZ  1 
ATOM   486 N  NH1 . ARG A 1 65 ? 13.297  -1.697  12.906  1.00 74.95 ? 65  ARG A NH1 1 
ATOM   487 N  NH2 . ARG A 1 65 ? 12.855  0.549   12.697  1.00 74.26 ? 65  ARG A NH2 1 
ATOM   488 N  N   . GLU A 1 66 ? 6.295   -5.676  9.388   1.00 61.10 ? 66  GLU A N   1 
ATOM   489 C  CA  . GLU A 1 66 ? 5.658   -6.981  9.488   1.00 62.70 ? 66  GLU A CA  1 
ATOM   490 C  C   . GLU A 1 66 ? 6.399   -8.081  8.734   1.00 64.39 ? 66  GLU A C   1 
ATOM   491 O  O   . GLU A 1 66 ? 7.291   -7.811  7.928   1.00 64.75 ? 66  GLU A O   1 
ATOM   492 C  CB  . GLU A 1 66 ? 4.225   -6.871  8.979   1.00 61.67 ? 66  GLU A CB  1 
ATOM   493 C  CG  . GLU A 1 66 ? 3.406   -5.864  9.766   1.00 61.51 ? 66  GLU A CG  1 
ATOM   494 C  CD  . GLU A 1 66 ? 2.208   -5.356  8.999   1.00 61.20 ? 66  GLU A CD  1 
ATOM   495 O  OE1 . GLU A 1 66 ? 2.408   -4.607  8.021   1.00 60.64 ? 66  GLU A OE1 1 
ATOM   496 O  OE2 . GLU A 1 66 ? 1.069   -5.706  9.373   1.00 61.72 ? 66  GLU A OE2 1 
ATOM   497 N  N   . THR A 1 67 ? 6.026   -9.326  9.014   1.00 66.11 ? 67  THR A N   1 
ATOM   498 C  CA  . THR A 1 67 ? 6.637   -10.480 8.365   1.00 67.41 ? 67  THR A CA  1 
ATOM   499 C  C   . THR A 1 67 ? 5.693   -10.979 7.271   1.00 68.54 ? 67  THR A C   1 
ATOM   500 O  O   . THR A 1 67 ? 4.495   -10.682 7.292   1.00 67.92 ? 67  THR A O   1 
ATOM   501 C  CB  . THR A 1 67 ? 6.893   -11.629 9.380   1.00 67.33 ? 67  THR A CB  1 
ATOM   502 O  OG1 . THR A 1 67 ? 5.645   -12.167 9.838   1.00 66.55 ? 67  THR A OG1 1 
ATOM   503 C  CG2 . THR A 1 67 ? 7.681   -11.112 10.575  1.00 66.04 ? 67  THR A CG2 1 
ATOM   504 N  N   . ARG A 1 68 ? 6.234   -11.727 6.315   1.00 69.86 ? 68  ARG A N   1 
ATOM   505 C  CA  . ARG A 1 68 ? 5.421   -12.255 5.225   1.00 71.67 ? 68  ARG A CA  1 
ATOM   506 C  C   . ARG A 1 68 ? 4.282   -13.101 5.787   1.00 71.55 ? 68  ARG A C   1 
ATOM   507 O  O   . ARG A 1 68 ? 3.177   -13.112 5.246   1.00 71.53 ? 68  ARG A O   1 
ATOM   508 C  CB  . ARG A 1 68 ? 6.285   -13.089 4.272   1.00 73.21 ? 68  ARG A CB  1 
ATOM   509 C  CG  . ARG A 1 68 ? 7.421   -12.296 3.638   1.00 75.92 ? 68  ARG A CG  1 
ATOM   510 C  CD  . ARG A 1 68 ? 8.263   -13.145 2.693   1.00 78.73 ? 68  ARG A CD  1 
ATOM   511 N  NE  . ARG A 1 68 ? 9.430   -12.410 2.199   1.00 80.77 ? 68  ARG A NE  1 
ATOM   512 C  CZ  . ARG A 1 68 ? 10.331  -12.904 1.352   1.00 80.96 ? 68  ARG A CZ  1 
ATOM   513 N  NH1 . ARG A 1 68 ? 10.211  -14.144 0.890   1.00 80.74 ? 68  ARG A NH1 1 
ATOM   514 N  NH2 . ARG A 1 68 ? 11.357  -12.153 0.966   1.00 80.71 ? 68  ARG A NH2 1 
ATOM   515 N  N   . GLU A 1 69 ? 4.554   -13.804 6.881   1.00 71.77 ? 69  GLU A N   1 
ATOM   516 C  CA  . GLU A 1 69 ? 3.539   -14.633 7.514   1.00 71.75 ? 69  GLU A CA  1 
ATOM   517 C  C   . GLU A 1 69 ? 2.413   -13.718 7.991   1.00 70.69 ? 69  GLU A C   1 
ATOM   518 O  O   . GLU A 1 69 ? 1.241   -13.934 7.675   1.00 69.95 ? 69  GLU A O   1 
ATOM   519 C  CB  . GLU A 1 69 ? 4.150   -15.394 8.692   1.00 73.46 ? 69  GLU A CB  1 
ATOM   520 C  CG  . GLU A 1 69 ? 5.394   -16.192 8.310   1.00 76.93 ? 69  GLU A CG  1 
ATOM   521 C  CD  . GLU A 1 69 ? 6.041   -16.899 9.493   1.00 79.09 ? 69  GLU A CD  1 
ATOM   522 O  OE1 . GLU A 1 69 ? 6.454   -16.207 10.452  1.00 80.26 ? 69  GLU A OE1 1 
ATOM   523 O  OE2 . GLU A 1 69 ? 6.138   -18.147 9.461   1.00 79.61 ? 69  GLU A OE2 1 
ATOM   524 N  N   . GLU A 1 70 ? 2.784   -12.686 8.743   1.00 69.74 ? 70  GLU A N   1 
ATOM   525 C  CA  . GLU A 1 70 ? 1.819   -11.721 9.257   1.00 68.75 ? 70  GLU A CA  1 
ATOM   526 C  C   . GLU A 1 70 ? 1.060   -11.092 8.097   1.00 67.87 ? 70  GLU A C   1 
ATOM   527 O  O   . GLU A 1 70 ? -0.170  -11.027 8.100   1.00 67.75 ? 70  GLU A O   1 
ATOM   528 C  CB  . GLU A 1 70 ? 2.535   -10.619 10.036  1.00 69.03 ? 70  GLU A CB  1 
ATOM   529 C  CG  . GLU A 1 70 ? 3.251   -11.092 11.278  1.00 70.01 ? 70  GLU A CG  1 
ATOM   530 C  CD  . GLU A 1 70 ? 4.014   -9.977  11.954  1.00 71.04 ? 70  GLU A CD  1 
ATOM   531 O  OE1 . GLU A 1 70 ? 4.996   -9.482  11.359  1.00 71.28 ? 70  GLU A OE1 1 
ATOM   532 O  OE2 . GLU A 1 70 ? 3.629   -9.587  13.078  1.00 71.80 ? 70  GLU A OE2 1 
ATOM   533 N  N   . LEU A 1 71 ? 1.811   -10.624 7.106   1.00 66.46 ? 71  LEU A N   1 
ATOM   534 C  CA  . LEU A 1 71 ? 1.229   -9.990  5.932   1.00 65.00 ? 71  LEU A CA  1 
ATOM   535 C  C   . LEU A 1 71 ? 0.261   -10.933 5.226   1.00 64.53 ? 71  LEU A C   1 
ATOM   536 O  O   . LEU A 1 71 ? -0.856  -10.541 4.881   1.00 64.10 ? 71  LEU A O   1 
ATOM   537 C  CB  . LEU A 1 71 ? 2.342   -9.547  4.981   1.00 63.73 ? 71  LEU A CB  1 
ATOM   538 C  CG  . LEU A 1 71 ? 3.219   -8.415  5.524   1.00 62.33 ? 71  LEU A CG  1 
ATOM   539 C  CD1 . LEU A 1 71 ? 4.487   -8.292  4.702   1.00 61.28 ? 71  LEU A CD1 1 
ATOM   540 C  CD2 . LEU A 1 71 ? 2.422   -7.116  5.518   1.00 60.99 ? 71  LEU A CD2 1 
ATOM   541 N  N   . GLN A 1 72 ? 0.691   -12.174 5.024   1.00 64.27 ? 72  GLN A N   1 
ATOM   542 C  CA  . GLN A 1 72 ? -0.141  -13.178 4.369   1.00 64.33 ? 72  GLN A CA  1 
ATOM   543 C  C   . GLN A 1 72 ? -1.446  -13.336 5.146   1.00 65.25 ? 72  GLN A C   1 
ATOM   544 O  O   . GLN A 1 72 ? -2.529  -13.418 4.560   1.00 64.75 ? 72  GLN A O   1 
ATOM   545 C  CB  . GLN A 1 72 ? 0.594   -14.522 4.315   1.00 63.03 ? 72  GLN A CB  1 
ATOM   546 C  CG  . GLN A 1 72 ? -0.214  -15.652 3.694   1.00 61.46 ? 72  GLN A CG  1 
ATOM   547 C  CD  . GLN A 1 72 ? -0.529  -15.416 2.231   1.00 61.08 ? 72  GLN A CD  1 
ATOM   548 O  OE1 . GLN A 1 72 ? 0.369   -15.378 1.388   1.00 60.44 ? 72  GLN A OE1 1 
ATOM   549 N  NE2 . GLN A 1 72 ? -1.811  -15.254 1.919   1.00 59.97 ? 72  GLN A NE2 1 
ATOM   550 N  N   . GLU A 1 73 ? -1.327  -13.369 6.471   1.00 66.37 ? 73  GLU A N   1 
ATOM   551 C  CA  . GLU A 1 73 ? -2.480  -13.516 7.352   1.00 67.45 ? 73  GLU A CA  1 
ATOM   552 C  C   . GLU A 1 73 ? -3.414  -12.311 7.267   1.00 67.47 ? 73  GLU A C   1 
ATOM   553 O  O   . GLU A 1 73 ? -4.642  -12.454 7.317   1.00 67.64 ? 73  GLU A O   1 
ATOM   554 C  CB  . GLU A 1 73 ? -2.000  -13.728 8.791   1.00 68.22 ? 73  GLU A CB  1 
ATOM   555 C  CG  . GLU A 1 73 ? -1.279  -15.059 8.980   1.00 71.21 ? 73  GLU A CG  1 
ATOM   556 C  CD  . GLU A 1 73 ? -0.664  -15.219 10.360  1.00 72.92 ? 73  GLU A CD  1 
ATOM   557 O  OE1 . GLU A 1 73 ? -1.354  -14.914 11.356  1.00 74.27 ? 73  GLU A OE1 1 
ATOM   558 O  OE2 . GLU A 1 73 ? 0.505   -15.662 10.448  1.00 73.50 ? 73  GLU A OE2 1 
ATOM   559 N  N   . LYS A 1 74 ? -2.830  -11.123 7.129   1.00 67.22 ? 74  LYS A N   1 
ATOM   560 C  CA  . LYS A 1 74 ? -3.610  -9.897  7.025   1.00 66.21 ? 74  LYS A CA  1 
ATOM   561 C  C   . LYS A 1 74 ? -4.410  -9.928  5.724   1.00 66.26 ? 74  LYS A C   1 
ATOM   562 O  O   . LYS A 1 74 ? -5.564  -9.499  5.675   1.00 65.64 ? 74  LYS A O   1 
ATOM   563 C  CB  . LYS A 1 74 ? -2.685  -8.675  7.032   1.00 65.05 ? 74  LYS A CB  1 
ATOM   564 C  CG  . LYS A 1 74 ? -3.431  -7.349  7.037   1.00 63.86 ? 74  LYS A CG  1 
ATOM   565 C  CD  . LYS A 1 74 ? -2.512  -6.164  6.778   1.00 62.78 ? 74  LYS A CD  1 
ATOM   566 C  CE  . LYS A 1 74 ? -1.438  -6.028  7.844   1.00 62.25 ? 74  LYS A CE  1 
ATOM   567 N  NZ  . LYS A 1 74 ? -0.672  -4.762  7.685   1.00 61.20 ? 74  LYS A NZ  1 
ATOM   568 N  N   . TYR A 1 75 ? -3.781  -10.446 4.673   1.00 66.62 ? 75  TYR A N   1 
ATOM   569 C  CA  . TYR A 1 75 ? -4.408  -10.541 3.361   1.00 67.25 ? 75  TYR A CA  1 
ATOM   570 C  C   . TYR A 1 75 ? -5.722  -11.316 3.417   1.00 68.54 ? 75  TYR A C   1 
ATOM   571 O  O   . TYR A 1 75 ? -6.750  -10.863 2.901   1.00 68.62 ? 75  TYR A O   1 
ATOM   572 C  CB  . TYR A 1 75 ? -3.465  -11.231 2.371   1.00 65.70 ? 75  TYR A CB  1 
ATOM   573 C  CG  . TYR A 1 75 ? -4.065  -11.383 0.994   1.00 64.96 ? 75  TYR A CG  1 
ATOM   574 C  CD1 . TYR A 1 75 ? -4.112  -10.306 0.109   1.00 64.53 ? 75  TYR A CD1 1 
ATOM   575 C  CD2 . TYR A 1 75 ? -4.649  -12.586 0.598   1.00 64.55 ? 75  TYR A CD2 1 
ATOM   576 C  CE1 . TYR A 1 75 ? -4.730  -10.423 -1.132  1.00 64.16 ? 75  TYR A CE1 1 
ATOM   577 C  CE2 . TYR A 1 75 ? -5.271  -12.711 -0.639  1.00 63.92 ? 75  TYR A CE2 1 
ATOM   578 C  CZ  . TYR A 1 75 ? -5.308  -11.630 -1.497  1.00 64.15 ? 75  TYR A CZ  1 
ATOM   579 O  OH  . TYR A 1 75 ? -5.927  -11.756 -2.718  1.00 64.26 ? 75  TYR A OH  1 
ATOM   580 N  N   . ASP A 1 76 ? -5.674  -12.490 4.040   1.00 69.62 ? 76  ASP A N   1 
ATOM   581 C  CA  . ASP A 1 76 ? -6.844  -13.353 4.163   1.00 70.47 ? 76  ASP A CA  1 
ATOM   582 C  C   . ASP A 1 76 ? -7.983  -12.696 4.939   1.00 71.23 ? 76  ASP A C   1 
ATOM   583 O  O   . ASP A 1 76 ? -9.131  -12.684 4.485   1.00 70.86 ? 76  ASP A O   1 
ATOM   584 C  CB  . ASP A 1 76 ? -6.445  -14.666 4.836   1.00 70.46 ? 76  ASP A CB  1 
ATOM   585 C  CG  . ASP A 1 76 ? -5.304  -15.360 4.119   1.00 70.88 ? 76  ASP A CG  1 
ATOM   586 O  OD1 . ASP A 1 76 ? -5.423  -15.591 2.897   1.00 70.21 ? 76  ASP A OD1 1 
ATOM   587 O  OD2 . ASP A 1 76 ? -4.290  -15.676 4.781   1.00 71.45 ? 76  ASP A OD2 1 
ATOM   588 N  N   . ARG A 1 77 ? -7.663  -12.148 6.109   1.00 71.73 ? 77  ARG A N   1 
ATOM   589 C  CA  . ARG A 1 77 ? -8.667  -11.494 6.938   1.00 72.42 ? 77  ARG A CA  1 
ATOM   590 C  C   . ARG A 1 77 ? -9.470  -10.478 6.125   1.00 72.46 ? 77  ARG A C   1 
ATOM   591 O  O   . ARG A 1 77 ? -10.578 -10.101 6.502   1.00 72.72 ? 77  ARG A O   1 
ATOM   592 C  CB  . ARG A 1 77 ? -7.997  -10.794 8.126   1.00 73.18 ? 77  ARG A CB  1 
ATOM   593 C  CG  . ARG A 1 77 ? -7.089  -11.700 8.954   1.00 75.95 ? 77  ARG A CG  1 
ATOM   594 C  CD  . ARG A 1 77 ? -6.663  -11.077 10.296  1.00 77.70 ? 77  ARG A CD  1 
ATOM   595 N  NE  . ARG A 1 77 ? -5.853  -9.865  10.153  1.00 79.47 ? 77  ARG A NE  1 
ATOM   596 C  CZ  . ARG A 1 77 ? -6.342  -8.643  9.938   1.00 80.14 ? 77  ARG A CZ  1 
ATOM   597 N  NH1 . ARG A 1 77 ? -7.654  -8.453  9.839   1.00 79.89 ? 77  ARG A NH1 1 
ATOM   598 N  NH2 . ARG A 1 77 ? -5.517  -7.608  9.816   1.00 79.47 ? 77  ARG A NH2 1 
ATOM   599 N  N   . LEU A 1 78 ? -8.912  -10.052 4.998   1.00 72.70 ? 78  LEU A N   1 
ATOM   600 C  CA  . LEU A 1 78 ? -9.563  -9.063  4.148   1.00 73.28 ? 78  LEU A CA  1 
ATOM   601 C  C   . LEU A 1 78 ? -10.410 -9.659  3.031   1.00 73.95 ? 78  LEU A C   1 
ATOM   602 O  O   . LEU A 1 78 ? -11.406 -9.067  2.626   1.00 73.47 ? 78  LEU A O   1 
ATOM   603 C  CB  . LEU A 1 78 ? -8.506  -8.130  3.556   1.00 73.44 ? 78  LEU A CB  1 
ATOM   604 C  CG  . LEU A 1 78 ? -7.768  -7.264  4.581   1.00 72.91 ? 78  LEU A CG  1 
ATOM   605 C  CD1 . LEU A 1 78 ? -6.466  -6.756  3.992   1.00 73.12 ? 78  LEU A CD1 1 
ATOM   606 C  CD2 . LEU A 1 78 ? -8.665  -6.114  5.013   1.00 72.21 ? 78  LEU A CD2 1 
ATOM   607 N  N   . HIS A 1 79 ? -10.015 -10.824 2.533   1.00 75.58 ? 79  HIS A N   1 
ATOM   608 C  CA  . HIS A 1 79 ? -10.762 -11.476 1.459   1.00 77.35 ? 79  HIS A CA  1 
ATOM   609 C  C   . HIS A 1 79 ? -11.349 -12.808 1.928   1.00 78.66 ? 79  HIS A C   1 
ATOM   610 O  O   . HIS A 1 79 ? -12.489 -12.870 2.399   1.00 78.70 ? 79  HIS A O   1 
ATOM   611 C  CB  . HIS A 1 79 ? -9.845  -11.700 0.255   1.00 77.17 ? 79  HIS A CB  1 
ATOM   612 C  CG  . HIS A 1 79 ? -9.264  -10.437 -0.303  1.00 77.46 ? 79  HIS A CG  1 
ATOM   613 N  ND1 . HIS A 1 79 ? -10.033 -9.474  -0.923  1.00 77.19 ? 79  HIS A ND1 1 
ATOM   614 C  CD2 . HIS A 1 79 ? -7.994  -9.968  -0.315  1.00 77.28 ? 79  HIS A CD2 1 
ATOM   615 C  CE1 . HIS A 1 79 ? -9.261  -8.467  -1.291  1.00 76.83 ? 79  HIS A CE1 1 
ATOM   616 N  NE2 . HIS A 1 79 ? -8.019  -8.742  -0.933  1.00 76.86 ? 79  HIS A NE2 1 
ATOM   617 N  N   . GLY A 1 80 ? -10.565 -13.872 1.791   1.00 79.66 ? 80  GLY A N   1 
ATOM   618 C  CA  . GLY A 1 80 ? -11.017 -15.181 2.219   1.00 80.66 ? 80  GLY A CA  1 
ATOM   619 C  C   . GLY A 1 80 ? -10.181 -15.669 3.389   1.00 81.63 ? 80  GLY A C   1 
ATOM   620 O  O   . GLY A 1 80 ? -10.728 -15.774 4.508   1.00 82.23 ? 80  GLY A O   1 
ATOM   621 O  OXT . GLY A 1 80 ? -8.974  -15.933 3.189   1.00 81.70 ? 80  GLY A OXT 1 
HETATM 622 FE FE1 . SF4 B 2 .  ? 2.361   8.007   -6.237  1.00 43.07 ? 101 SF4 A FE1 1 
HETATM 623 FE FE2 . SF4 B 2 .  ? -0.323  7.373   -5.570  1.00 42.66 ? 101 SF4 A FE2 1 
HETATM 624 FE FE3 . SF4 B 2 .  ? 0.891   9.662   -4.708  1.00 43.33 ? 101 SF4 A FE3 1 
HETATM 625 FE FE4 . SF4 B 2 .  ? 0.257   9.296   -7.391  1.00 44.81 ? 101 SF4 A FE4 1 
HETATM 626 S  S1  . SF4 B 2 .  ? -1.234  9.429   -5.540  1.00 42.92 ? 101 SF4 A S1  1 
HETATM 627 S  S2  . SF4 B 2 .  ? 1.937   10.141  -6.494  1.00 43.64 ? 101 SF4 A S2  1 
HETATM 628 S  S3  . SF4 B 2 .  ? 0.557   7.093   -7.538  1.00 43.24 ? 101 SF4 A S3  1 
HETATM 629 S  S4  . SF4 B 2 .  ? 1.442   7.688   -4.130  1.00 43.03 ? 101 SF4 A S4  1 
HETATM 630 FE FE1 . SF4 C 2 .  ? -2.314  -1.961  -1.640  1.00 38.49 ? 102 SF4 A FE1 1 
HETATM 631 FE FE2 . SF4 C 2 .  ? 0.209   -0.881  -2.351  1.00 38.54 ? 102 SF4 A FE2 1 
HETATM 632 FE FE3 . SF4 C 2 .  ? -0.238  -2.078  0.070   1.00 38.45 ? 102 SF4 A FE3 1 
HETATM 633 FE FE4 . SF4 C 2 .  ? -0.193  -3.563  -2.288  1.00 38.79 ? 102 SF4 A FE4 1 
HETATM 634 S  S1  . SF4 C 2 .  ? 1.587   -2.327  -1.312  1.00 37.03 ? 102 SF4 A S1  1 
HETATM 635 S  S2  . SF4 C 2 .  ? -1.430  -3.690  -0.607  1.00 38.63 ? 102 SF4 A S2  1 
HETATM 636 S  S3  . SF4 C 2 .  ? -1.051  -2.053  -3.689  1.00 37.07 ? 102 SF4 A S3  1 
HETATM 637 S  S4  . SF4 C 2 .  ? -1.141  -0.259  -0.590  1.00 37.38 ? 102 SF4 A S4  1 
# 
loop_
_pdbx_poly_seq_scheme.asym_id 
_pdbx_poly_seq_scheme.entity_id 
_pdbx_poly_seq_scheme.seq_id 
_pdbx_poly_seq_scheme.mon_id 
_pdbx_poly_seq_scheme.ndb_seq_num 
_pdbx_poly_seq_scheme.pdb_seq_num 
_pdbx_poly_seq_scheme.auth_seq_num 
_pdbx_poly_seq_scheme.pdb_mon_id 
_pdbx_poly_seq_scheme.auth_mon_id 
_pdbx_poly_seq_scheme.pdb_strand_id 
_pdbx_poly_seq_scheme.pdb_ins_code 
_pdbx_poly_seq_scheme.hetero 
A 1 1  ALA 1  1  1  ALA ALA A . n 
A 1 2  LEU 2  2  2  LEU LEU A . n 
A 1 3  TYR 3  3  3  TYR TYR A . n 
A 1 4  ILE 4  4  4  ILE ILE A . n 
A 1 5  ASN 5  5  5  ASN ASN A . n 
A 1 6  ASP 6  6  6  ASP ASP A . n 
A 1 7  ASP 7  7  7  ASP ASP A . n 
A 1 8  CYS 8  8  8  CYS CYS A . n 
A 1 9  THR 9  9  9  THR THR A . n 
A 1 10 ALA 10 10 10 ALA ALA A . n 
A 1 11 CYS 11 11 11 CYS CYS A . n 
A 1 12 ASP 12 12 12 ASP ASP A . n 
A 1 13 ALA 13 13 13 ALA ALA A . n 
A 1 14 CYS 14 14 14 CYS CYS A . n 
A 1 15 VAL 15 15 15 VAL VAL A . n 
A 1 16 GLU 16 16 16 GLU GLU A . n 
A 1 17 GLU 17 17 17 GLU GLU A . n 
A 1 18 CYS 18 18 18 CYS CYS A . n 
A 1 19 PRO 19 19 19 PRO PRO A . n 
A 1 20 ASN 20 20 20 ASN ASN A . n 
A 1 21 GLU 21 21 21 GLU GLU A . n 
A 1 22 ALA 22 22 22 ALA ALA A . n 
A 1 23 ILE 23 23 23 ILE ILE A . n 
A 1 24 THR 24 24 24 THR THR A . n 
A 1 25 PRO 25 25 25 PRO PRO A . n 
A 1 26 GLY 26 26 26 GLY GLY A . n 
A 1 27 ASP 27 27 27 ASP ASP A . n 
A 1 28 PRO 28 28 28 PRO PRO A . n 
A 1 29 ILE 29 29 29 ILE ILE A . n 
A 1 30 TYR 30 30 30 TYR TYR A . n 
A 1 31 VAL 31 31 31 VAL VAL A . n 
A 1 32 ILE 32 32 32 ILE ILE A . n 
A 1 33 ASP 33 33 33 ASP ASP A . n 
A 1 34 PRO 34 34 34 PRO PRO A . n 
A 1 35 THR 35 35 35 THR THR A . n 
A 1 36 LYS 36 36 36 LYS LYS A . n 
A 1 37 CYS 37 37 37 CYS CYS A . n 
A 1 38 SER 38 38 38 SER SER A . n 
A 1 39 GLU 39 39 39 GLU GLU A . n 
A 1 40 CYS 40 40 40 CYS CYS A . n 
A 1 41 VAL 41 41 41 VAL VAL A . n 
A 1 42 GLY 42 42 42 GLY GLY A . n 
A 1 43 ALA 43 43 43 ALA ALA A . n 
A 1 44 PHE 44 44 44 PHE PHE A . n 
A 1 45 ASP 45 45 45 ASP ASP A . n 
A 1 46 GLU 46 46 46 GLU GLU A . n 
A 1 47 PRO 47 47 47 PRO PRO A . n 
A 1 48 GLN 48 48 48 GLN GLN A . n 
A 1 49 CYS 49 49 49 CYS CYS A . n 
A 1 50 ARG 50 50 50 ARG ARG A . n 
A 1 51 LEU 51 51 51 LEU LEU A . n 
A 1 52 VAL 52 52 52 VAL VAL A . n 
A 1 53 CYS 53 53 53 CYS CYS A . n 
A 1 54 PRO 54 54 54 PRO PRO A . n 
A 1 55 ALA 55 55 55 ALA ALA A . n 
A 1 56 ASP 56 56 56 ASP ASP A . n 
A 1 57 CYS 57 57 57 CYS CYS A . n 
A 1 58 ILE 58 58 58 ILE ILE A . n 
A 1 59 PRO 59 59 59 PRO PRO A . n 
A 1 60 ASP 60 60 60 ASP ASP A . n 
A 1 61 ASN 61 61 61 ASN ASN A . n 
A 1 62 PRO 62 62 62 PRO PRO A . n 
A 1 63 ASP 63 63 63 ASP ASP A . n 
A 1 64 TYR 64 64 64 TYR TYR A . n 
A 1 65 ARG 65 65 65 ARG ARG A . n 
A 1 66 GLU 66 66 66 GLU GLU A . n 
A 1 67 THR 67 67 67 THR THR A . n 
A 1 68 ARG 68 68 68 ARG ARG A . n 
A 1 69 GLU 69 69 69 GLU GLU A . n 
A 1 70 GLU 70 70 70 GLU GLU A . n 
A 1 71 LEU 71 71 71 LEU LEU A . n 
A 1 72 GLN 72 72 72 GLN GLN A . n 
A 1 73 GLU 73 73 73 GLU GLU A . n 
A 1 74 LYS 74 74 74 LYS LYS A . n 
A 1 75 TYR 75 75 75 TYR TYR A . n 
A 1 76 ASP 76 76 76 ASP ASP A . n 
A 1 77 ARG 77 77 77 ARG ARG A . n 
A 1 78 LEU 78 78 78 LEU LEU A . n 
A 1 79 HIS 79 79 79 HIS HIS A . n 
A 1 80 GLY 80 80 80 GLY GLY A . n 
# 
loop_
_pdbx_nonpoly_scheme.asym_id 
_pdbx_nonpoly_scheme.entity_id 
_pdbx_nonpoly_scheme.mon_id 
_pdbx_nonpoly_scheme.ndb_seq_num 
_pdbx_nonpoly_scheme.pdb_seq_num 
_pdbx_nonpoly_scheme.auth_seq_num 
_pdbx_nonpoly_scheme.pdb_mon_id 
_pdbx_nonpoly_scheme.auth_mon_id 
_pdbx_nonpoly_scheme.pdb_strand_id 
_pdbx_nonpoly_scheme.pdb_ins_code 
B 2 SF4 1 101 101 SF4 FS4 A . 
C 2 SF4 1 102 102 SF4 FS4 A . 
# 
_pdbx_struct_assembly.id                   1 
_pdbx_struct_assembly.details              author_defined_assembly 
_pdbx_struct_assembly.method_details       ? 
_pdbx_struct_assembly.oligomeric_details   monomeric 
_pdbx_struct_assembly.oligomeric_count     1 
# 
_pdbx_struct_assembly_gen.assembly_id       1 
_pdbx_struct_assembly_gen.oper_expression   1 
_pdbx_struct_assembly_gen.asym_id_list      A,B,C 
# 
_pdbx_struct_oper_list.id                   1 
_pdbx_struct_oper_list.type                 'identity operation' 
_pdbx_struct_oper_list.name                 1_555 
_pdbx_struct_oper_list.symmetry_operation   x,y,z 
_pdbx_struct_oper_list.matrix[1][1]         1.0000000000 
_pdbx_struct_oper_list.matrix[1][2]         0.0000000000 
_pdbx_struct_oper_list.matrix[1][3]         0.0000000000 
_pdbx_struct_oper_list.vector[1]            0.0000000000 
_pdbx_struct_oper_list.matrix[2][1]         0.0000000000 
_pdbx_struct_oper_list.matrix[2][2]         1.0000000000 
_pdbx_struct_oper_list.matrix[2][3]         0.0000000000 
_pdbx_struct_oper_list.vector[2]            0.0000000000 
_pdbx_struct_oper_list.matrix[3][1]         0.0000000000 
_pdbx_struct_oper_list.matrix[3][2]         0.0000000000 
_pdbx_struct_oper_list.matrix[3][3]         1.0000000000 
_pdbx_struct_oper_list.vector[3]            0.0000000000 
# 
loop_
_pdbx_struct_conn_angle.id 
_pdbx_struct_conn_angle.ptnr1_label_atom_id 
_pdbx_struct_conn_angle.ptnr1_label_alt_id 
_pdbx_struct_conn_angle.ptnr1_label_asym_id 
_pdbx_struct_conn_angle.ptnr1_label_comp_id 
_pdbx_struct_conn_angle.ptnr1_label_seq_id 
_pdbx_struct_conn_angle.ptnr1_auth_atom_id 
_pdbx_struct_conn_angle.ptnr1_auth_asym_id 
_pdbx_struct_conn_angle.ptnr1_auth_comp_id 
_pdbx_struct_conn_angle.ptnr1_auth_seq_id 
_pdbx_struct_conn_angle.ptnr1_PDB_ins_code 
_pdbx_struct_conn_angle.ptnr1_symmetry 
_pdbx_struct_conn_angle.ptnr2_label_atom_id 
_pdbx_struct_conn_angle.ptnr2_label_alt_id 
_pdbx_struct_conn_angle.ptnr2_label_asym_id 
_pdbx_struct_conn_angle.ptnr2_label_comp_id 
_pdbx_struct_conn_angle.ptnr2_label_seq_id 
_pdbx_struct_conn_angle.ptnr2_auth_atom_id 
_pdbx_struct_conn_angle.ptnr2_auth_asym_id 
_pdbx_struct_conn_angle.ptnr2_auth_comp_id 
_pdbx_struct_conn_angle.ptnr2_auth_seq_id 
_pdbx_struct_conn_angle.ptnr2_PDB_ins_code 
_pdbx_struct_conn_angle.ptnr2_symmetry 
_pdbx_struct_conn_angle.ptnr3_label_atom_id 
_pdbx_struct_conn_angle.ptnr3_label_alt_id 
_pdbx_struct_conn_angle.ptnr3_label_asym_id 
_pdbx_struct_conn_angle.ptnr3_label_comp_id 
_pdbx_struct_conn_angle.ptnr3_label_seq_id 
_pdbx_struct_conn_angle.ptnr3_auth_atom_id 
_pdbx_struct_conn_angle.ptnr3_auth_asym_id 
_pdbx_struct_conn_angle.ptnr3_auth_comp_id 
_pdbx_struct_conn_angle.ptnr3_auth_seq_id 
_pdbx_struct_conn_angle.ptnr3_PDB_ins_code 
_pdbx_struct_conn_angle.ptnr3_symmetry 
_pdbx_struct_conn_angle.value 
_pdbx_struct_conn_angle.value_esd 
1  SG ? A CYS 8  ? A CYS 8   ? 1_555 FE3 ? B SF4 . ? A SF4 101 ? 1_555 S1 ? B SF4 . ? A SF4 101 ? 1_555 93.9  ? 
2  SG ? A CYS 8  ? A CYS 8   ? 1_555 FE3 ? B SF4 . ? A SF4 101 ? 1_555 S2 ? B SF4 . ? A SF4 101 ? 1_555 118.8 ? 
3  S1 ? B SF4 .  ? A SF4 101 ? 1_555 FE3 ? B SF4 . ? A SF4 101 ? 1_555 S2 ? B SF4 . ? A SF4 101 ? 1_555 100.0 ? 
4  SG ? A CYS 8  ? A CYS 8   ? 1_555 FE3 ? B SF4 . ? A SF4 101 ? 1_555 S4 ? B SF4 . ? A SF4 101 ? 1_555 125.5 ? 
5  S1 ? B SF4 .  ? A SF4 101 ? 1_555 FE3 ? B SF4 . ? A SF4 101 ? 1_555 S4 ? B SF4 . ? A SF4 101 ? 1_555 104.1 ? 
6  S2 ? B SF4 .  ? A SF4 101 ? 1_555 FE3 ? B SF4 . ? A SF4 101 ? 1_555 S4 ? B SF4 . ? A SF4 101 ? 1_555 108.1 ? 
7  SG ? A CYS 11 ? A CYS 11  ? 1_555 FE4 ? B SF4 . ? A SF4 101 ? 1_555 S1 ? B SF4 . ? A SF4 101 ? 1_555 129.3 ? 
8  SG ? A CYS 11 ? A CYS 11  ? 1_555 FE4 ? B SF4 . ? A SF4 101 ? 1_555 S2 ? B SF4 . ? A SF4 101 ? 1_555 120.1 ? 
9  S1 ? B SF4 .  ? A SF4 101 ? 1_555 FE4 ? B SF4 . ? A SF4 101 ? 1_555 S2 ? B SF4 . ? A SF4 101 ? 1_555 98.5  ? 
10 SG ? A CYS 11 ? A CYS 11  ? 1_555 FE4 ? B SF4 . ? A SF4 101 ? 1_555 S3 ? B SF4 . ? A SF4 101 ? 1_555 96.4  ? 
11 S1 ? B SF4 .  ? A SF4 101 ? 1_555 FE4 ? B SF4 . ? A SF4 101 ? 1_555 S3 ? B SF4 . ? A SF4 101 ? 1_555 101.0 ? 
12 S2 ? B SF4 .  ? A SF4 101 ? 1_555 FE4 ? B SF4 . ? A SF4 101 ? 1_555 S3 ? B SF4 . ? A SF4 101 ? 1_555 108.7 ? 
13 SG ? A CYS 14 ? A CYS 14  ? 1_555 FE2 ? B SF4 . ? A SF4 101 ? 1_555 S1 ? B SF4 . ? A SF4 101 ? 1_555 113.2 ? 
14 SG ? A CYS 14 ? A CYS 14  ? 1_555 FE2 ? B SF4 . ? A SF4 101 ? 1_555 S3 ? B SF4 . ? A SF4 101 ? 1_555 107.3 ? 
15 S1 ? B SF4 .  ? A SF4 101 ? 1_555 FE2 ? B SF4 . ? A SF4 101 ? 1_555 S3 ? B SF4 . ? A SF4 101 ? 1_555 107.1 ? 
16 SG ? A CYS 14 ? A CYS 14  ? 1_555 FE2 ? B SF4 . ? A SF4 101 ? 1_555 S4 ? B SF4 . ? A SF4 101 ? 1_555 122.1 ? 
17 S1 ? B SF4 .  ? A SF4 101 ? 1_555 FE2 ? B SF4 . ? A SF4 101 ? 1_555 S4 ? B SF4 . ? A SF4 101 ? 1_555 100.2 ? 
18 S3 ? B SF4 .  ? A SF4 101 ? 1_555 FE2 ? B SF4 . ? A SF4 101 ? 1_555 S4 ? B SF4 . ? A SF4 101 ? 1_555 105.9 ? 
19 SG ? A CYS 18 ? A CYS 18  ? 1_555 FE1 ? C SF4 . ? A SF4 102 ? 1_555 S2 ? C SF4 . ? A SF4 102 ? 1_555 127.2 ? 
20 SG ? A CYS 18 ? A CYS 18  ? 1_555 FE1 ? C SF4 . ? A SF4 102 ? 1_555 S3 ? C SF4 . ? A SF4 102 ? 1_555 110.4 ? 
21 S2 ? C SF4 .  ? A SF4 102 ? 1_555 FE1 ? C SF4 . ? A SF4 102 ? 1_555 S3 ? C SF4 . ? A SF4 102 ? 1_555 99.1  ? 
22 SG ? A CYS 18 ? A CYS 18  ? 1_555 FE1 ? C SF4 . ? A SF4 102 ? 1_555 S4 ? C SF4 . ? A SF4 102 ? 1_555 117.5 ? 
23 S2 ? C SF4 .  ? A SF4 102 ? 1_555 FE1 ? C SF4 . ? A SF4 102 ? 1_555 S4 ? C SF4 . ? A SF4 102 ? 1_555 99.3  ? 
24 S3 ? C SF4 .  ? A SF4 102 ? 1_555 FE1 ? C SF4 . ? A SF4 102 ? 1_555 S4 ? C SF4 . ? A SF4 102 ? 1_555 98.5  ? 
25 SG ? A CYS 37 ? A CYS 37  ? 1_555 FE3 ? C SF4 . ? A SF4 102 ? 1_555 S1 ? C SF4 . ? A SF4 102 ? 1_555 107.1 ? 
26 SG ? A CYS 37 ? A CYS 37  ? 1_555 FE3 ? C SF4 . ? A SF4 102 ? 1_555 S2 ? C SF4 . ? A SF4 102 ? 1_555 122.2 ? 
27 S1 ? C SF4 .  ? A SF4 102 ? 1_555 FE3 ? C SF4 . ? A SF4 102 ? 1_555 S2 ? C SF4 . ? A SF4 102 ? 1_555 99.9  ? 
28 SG ? A CYS 37 ? A CYS 37  ? 1_555 FE3 ? C SF4 . ? A SF4 102 ? 1_555 S4 ? C SF4 . ? A SF4 102 ? 1_555 113.1 ? 
29 S1 ? C SF4 .  ? A SF4 102 ? 1_555 FE3 ? C SF4 . ? A SF4 102 ? 1_555 S4 ? C SF4 . ? A SF4 102 ? 1_555 104.0 ? 
30 S2 ? C SF4 .  ? A SF4 102 ? 1_555 FE3 ? C SF4 . ? A SF4 102 ? 1_555 S4 ? C SF4 . ? A SF4 102 ? 1_555 108.2 ? 
31 SG ? A CYS 40 ? A CYS 40  ? 1_555 FE4 ? C SF4 . ? A SF4 102 ? 1_555 S1 ? C SF4 . ? A SF4 102 ? 1_555 115.6 ? 
32 SG ? A CYS 40 ? A CYS 40  ? 1_555 FE4 ? C SF4 . ? A SF4 102 ? 1_555 S2 ? C SF4 . ? A SF4 102 ? 1_555 132.4 ? 
33 S1 ? C SF4 .  ? A SF4 102 ? 1_555 FE4 ? C SF4 . ? A SF4 102 ? 1_555 S2 ? C SF4 . ? A SF4 102 ? 1_555 98.3  ? 
34 SG ? A CYS 40 ? A CYS 40  ? 1_555 FE4 ? C SF4 . ? A SF4 102 ? 1_555 S3 ? C SF4 . ? A SF4 102 ? 1_555 97.1  ? 
35 S1 ? C SF4 .  ? A SF4 102 ? 1_555 FE4 ? C SF4 . ? A SF4 102 ? 1_555 S3 ? C SF4 . ? A SF4 102 ? 1_555 101.2 ? 
36 S2 ? C SF4 .  ? A SF4 102 ? 1_555 FE4 ? C SF4 . ? A SF4 102 ? 1_555 S3 ? C SF4 . ? A SF4 102 ? 1_555 108.6 ? 
37 SG ? A CYS 49 ? A CYS 49  ? 1_555 FE2 ? C SF4 . ? A SF4 102 ? 1_555 S1 ? C SF4 . ? A SF4 102 ? 1_555 104.3 ? 
38 SG ? A CYS 49 ? A CYS 49  ? 1_555 FE2 ? C SF4 . ? A SF4 102 ? 1_555 S3 ? C SF4 . ? A SF4 102 ? 1_555 115.2 ? 
39 S1 ? C SF4 .  ? A SF4 102 ? 1_555 FE2 ? C SF4 . ? A SF4 102 ? 1_555 S3 ? C SF4 . ? A SF4 102 ? 1_555 107.0 ? 
40 SG ? A CYS 49 ? A CYS 49  ? 1_555 FE2 ? C SF4 . ? A SF4 102 ? 1_555 S4 ? C SF4 . ? A SF4 102 ? 1_555 122.0 ? 
41 S1 ? C SF4 .  ? A SF4 102 ? 1_555 FE2 ? C SF4 . ? A SF4 102 ? 1_555 S4 ? C SF4 . ? A SF4 102 ? 1_555 100.3 ? 
42 S3 ? C SF4 .  ? A SF4 102 ? 1_555 FE2 ? C SF4 . ? A SF4 102 ? 1_555 S4 ? C SF4 . ? A SF4 102 ? 1_555 106.0 ? 
43 SG ? A CYS 53 ? A CYS 53  ? 1_555 FE1 ? B SF4 . ? A SF4 101 ? 1_555 S2 ? B SF4 . ? A SF4 101 ? 1_555 122.0 ? 
44 SG ? A CYS 53 ? A CYS 53  ? 1_555 FE1 ? B SF4 . ? A SF4 101 ? 1_555 S3 ? B SF4 . ? A SF4 101 ? 1_555 118.3 ? 
45 S2 ? B SF4 .  ? A SF4 101 ? 1_555 FE1 ? B SF4 . ? A SF4 101 ? 1_555 S3 ? B SF4 . ? A SF4 101 ? 1_555 99.3  ? 
46 SG ? A CYS 53 ? A CYS 53  ? 1_555 FE1 ? B SF4 . ? A SF4 101 ? 1_555 S4 ? B SF4 . ? A SF4 101 ? 1_555 115.3 ? 
47 S2 ? B SF4 .  ? A SF4 101 ? 1_555 FE1 ? B SF4 . ? A SF4 101 ? 1_555 S4 ? B SF4 . ? A SF4 101 ? 1_555 99.5  ? 
48 S3 ? B SF4 .  ? A SF4 101 ? 1_555 FE1 ? B SF4 . ? A SF4 101 ? 1_555 S4 ? B SF4 . ? A SF4 101 ? 1_555 98.2  ? 
# 
loop_
_pdbx_audit_revision_history.ordinal 
_pdbx_audit_revision_history.data_content_type 
_pdbx_audit_revision_history.major_revision 
_pdbx_audit_revision_history.minor_revision 
_pdbx_audit_revision_history.revision_date 
1 'Structure model' 1 0 2004-02-10 
2 'Structure model' 1 1 2008-04-29 
3 'Structure model' 1 2 2011-07-13 
4 'Structure model' 1 3 2023-08-23 
# 
_pdbx_audit_revision_details.ordinal             1 
_pdbx_audit_revision_details.revision_ordinal    1 
_pdbx_audit_revision_details.data_content_type   'Structure model' 
_pdbx_audit_revision_details.provider            repository 
_pdbx_audit_revision_details.type                'Initial release' 
_pdbx_audit_revision_details.description         ? 
_pdbx_audit_revision_details.details             ? 
# 
loop_
_pdbx_audit_revision_group.ordinal 
_pdbx_audit_revision_group.revision_ordinal 
_pdbx_audit_revision_group.data_content_type 
_pdbx_audit_revision_group.group 
1 2 'Structure model' 'Version format compliance' 
2 3 'Structure model' 'Source and taxonomy'       
3 3 'Structure model' 'Version format compliance' 
4 4 'Structure model' 'Data collection'           
5 4 'Structure model' 'Database references'       
6 4 'Structure model' 'Derived calculations'      
7 4 'Structure model' 'Refinement description'    
# 
loop_
_pdbx_audit_revision_category.ordinal 
_pdbx_audit_revision_category.revision_ordinal 
_pdbx_audit_revision_category.data_content_type 
_pdbx_audit_revision_category.category 
1 4 'Structure model' chem_comp_atom                
2 4 'Structure model' chem_comp_bond                
3 4 'Structure model' database_2                    
4 4 'Structure model' pdbx_initial_refinement_model 
5 4 'Structure model' pdbx_struct_conn_angle        
6 4 'Structure model' struct_conn                   
7 4 'Structure model' struct_site                   
# 
loop_
_pdbx_audit_revision_item.ordinal 
_pdbx_audit_revision_item.revision_ordinal 
_pdbx_audit_revision_item.data_content_type 
_pdbx_audit_revision_item.item 
1  4 'Structure model' '_database_2.pdbx_DOI'                        
2  4 'Structure model' '_database_2.pdbx_database_accession'         
3  4 'Structure model' '_pdbx_struct_conn_angle.ptnr1_auth_seq_id'   
4  4 'Structure model' '_pdbx_struct_conn_angle.ptnr1_label_asym_id' 
5  4 'Structure model' '_pdbx_struct_conn_angle.ptnr1_label_atom_id' 
6  4 'Structure model' '_pdbx_struct_conn_angle.ptnr1_label_seq_id'  
7  4 'Structure model' '_pdbx_struct_conn_angle.ptnr2_auth_seq_id'   
8  4 'Structure model' '_pdbx_struct_conn_angle.ptnr2_label_asym_id' 
9  4 'Structure model' '_pdbx_struct_conn_angle.ptnr2_label_atom_id' 
10 4 'Structure model' '_pdbx_struct_conn_angle.ptnr3_auth_seq_id'   
11 4 'Structure model' '_pdbx_struct_conn_angle.ptnr3_label_asym_id' 
12 4 'Structure model' '_pdbx_struct_conn_angle.ptnr3_label_atom_id' 
13 4 'Structure model' '_pdbx_struct_conn_angle.value'               
14 4 'Structure model' '_struct_conn.pdbx_dist_value'                
15 4 'Structure model' '_struct_conn.ptnr1_auth_seq_id'              
16 4 'Structure model' '_struct_conn.ptnr1_label_seq_id'             
17 4 'Structure model' '_struct_conn.ptnr2_auth_seq_id'              
18 4 'Structure model' '_struct_conn.ptnr2_label_asym_id'            
19 4 'Structure model' '_struct_conn.ptnr2_label_atom_id'            
20 4 'Structure model' '_struct_site.pdbx_auth_asym_id'              
21 4 'Structure model' '_struct_site.pdbx_auth_comp_id'              
22 4 'Structure model' '_struct_site.pdbx_auth_seq_id'               
# 
loop_
_software.name 
_software.classification 
_software.version 
_software.citation_id 
_software.pdbx_ordinal 
CNS       refinement       1.0 ? 1 
DENZO     'data reduction' .   ? 2 
SCALEPACK 'data scaling'   .   ? 3 
EPMR      phasing          .   ? 4 
# 
loop_
_pdbx_validate_torsion.id 
_pdbx_validate_torsion.PDB_model_num 
_pdbx_validate_torsion.auth_comp_id 
_pdbx_validate_torsion.auth_asym_id 
_pdbx_validate_torsion.auth_seq_id 
_pdbx_validate_torsion.PDB_ins_code 
_pdbx_validate_torsion.label_alt_id 
_pdbx_validate_torsion.phi 
_pdbx_validate_torsion.psi 
1 1 ASN A 5  ? ? -60.90  -176.30 
2 1 ASP A 12 ? ? 67.01   -3.71   
3 1 CYS A 40 ? ? 71.92   -2.15   
4 1 ALA A 43 ? ? -136.69 -50.56  
5 1 HIS A 79 ? ? -116.00 -88.28  
# 
loop_
_chem_comp_atom.comp_id 
_chem_comp_atom.atom_id 
_chem_comp_atom.type_symbol 
_chem_comp_atom.pdbx_aromatic_flag 
_chem_comp_atom.pdbx_stereo_config 
_chem_comp_atom.pdbx_ordinal 
ALA N    N  N N 1   
ALA CA   C  N S 2   
ALA C    C  N N 3   
ALA O    O  N N 4   
ALA CB   C  N N 5   
ALA OXT  O  N N 6   
ALA H    H  N N 7   
ALA H2   H  N N 8   
ALA HA   H  N N 9   
ALA HB1  H  N N 10  
ALA HB2  H  N N 11  
ALA HB3  H  N N 12  
ALA HXT  H  N N 13  
ARG N    N  N N 14  
ARG CA   C  N S 15  
ARG C    C  N N 16  
ARG O    O  N N 17  
ARG CB   C  N N 18  
ARG CG   C  N N 19  
ARG CD   C  N N 20  
ARG NE   N  N N 21  
ARG CZ   C  N N 22  
ARG NH1  N  N N 23  
ARG NH2  N  N N 24  
ARG OXT  O  N N 25  
ARG H    H  N N 26  
ARG H2   H  N N 27  
ARG HA   H  N N 28  
ARG HB2  H  N N 29  
ARG HB3  H  N N 30  
ARG HG2  H  N N 31  
ARG HG3  H  N N 32  
ARG HD2  H  N N 33  
ARG HD3  H  N N 34  
ARG HE   H  N N 35  
ARG HH11 H  N N 36  
ARG HH12 H  N N 37  
ARG HH21 H  N N 38  
ARG HH22 H  N N 39  
ARG HXT  H  N N 40  
ASN N    N  N N 41  
ASN CA   C  N S 42  
ASN C    C  N N 43  
ASN O    O  N N 44  
ASN CB   C  N N 45  
ASN CG   C  N N 46  
ASN OD1  O  N N 47  
ASN ND2  N  N N 48  
ASN OXT  O  N N 49  
ASN H    H  N N 50  
ASN H2   H  N N 51  
ASN HA   H  N N 52  
ASN HB2  H  N N 53  
ASN HB3  H  N N 54  
ASN HD21 H  N N 55  
ASN HD22 H  N N 56  
ASN HXT  H  N N 57  
ASP N    N  N N 58  
ASP CA   C  N S 59  
ASP C    C  N N 60  
ASP O    O  N N 61  
ASP CB   C  N N 62  
ASP CG   C  N N 63  
ASP OD1  O  N N 64  
ASP OD2  O  N N 65  
ASP OXT  O  N N 66  
ASP H    H  N N 67  
ASP H2   H  N N 68  
ASP HA   H  N N 69  
ASP HB2  H  N N 70  
ASP HB3  H  N N 71  
ASP HD2  H  N N 72  
ASP HXT  H  N N 73  
CYS N    N  N N 74  
CYS CA   C  N R 75  
CYS C    C  N N 76  
CYS O    O  N N 77  
CYS CB   C  N N 78  
CYS SG   S  N N 79  
CYS OXT  O  N N 80  
CYS H    H  N N 81  
CYS H2   H  N N 82  
CYS HA   H  N N 83  
CYS HB2  H  N N 84  
CYS HB3  H  N N 85  
CYS HG   H  N N 86  
CYS HXT  H  N N 87  
GLN N    N  N N 88  
GLN CA   C  N S 89  
GLN C    C  N N 90  
GLN O    O  N N 91  
GLN CB   C  N N 92  
GLN CG   C  N N 93  
GLN CD   C  N N 94  
GLN OE1  O  N N 95  
GLN NE2  N  N N 96  
GLN OXT  O  N N 97  
GLN H    H  N N 98  
GLN H2   H  N N 99  
GLN HA   H  N N 100 
GLN HB2  H  N N 101 
GLN HB3  H  N N 102 
GLN HG2  H  N N 103 
GLN HG3  H  N N 104 
GLN HE21 H  N N 105 
GLN HE22 H  N N 106 
GLN HXT  H  N N 107 
GLU N    N  N N 108 
GLU CA   C  N S 109 
GLU C    C  N N 110 
GLU O    O  N N 111 
GLU CB   C  N N 112 
GLU CG   C  N N 113 
GLU CD   C  N N 114 
GLU OE1  O  N N 115 
GLU OE2  O  N N 116 
GLU OXT  O  N N 117 
GLU H    H  N N 118 
GLU H2   H  N N 119 
GLU HA   H  N N 120 
GLU HB2  H  N N 121 
GLU HB3  H  N N 122 
GLU HG2  H  N N 123 
GLU HG3  H  N N 124 
GLU HE2  H  N N 125 
GLU HXT  H  N N 126 
GLY N    N  N N 127 
GLY CA   C  N N 128 
GLY C    C  N N 129 
GLY O    O  N N 130 
GLY OXT  O  N N 131 
GLY H    H  N N 132 
GLY H2   H  N N 133 
GLY HA2  H  N N 134 
GLY HA3  H  N N 135 
GLY HXT  H  N N 136 
HIS N    N  N N 137 
HIS CA   C  N S 138 
HIS C    C  N N 139 
HIS O    O  N N 140 
HIS CB   C  N N 141 
HIS CG   C  Y N 142 
HIS ND1  N  Y N 143 
HIS CD2  C  Y N 144 
HIS CE1  C  Y N 145 
HIS NE2  N  Y N 146 
HIS OXT  O  N N 147 
HIS H    H  N N 148 
HIS H2   H  N N 149 
HIS HA   H  N N 150 
HIS HB2  H  N N 151 
HIS HB3  H  N N 152 
HIS HD1  H  N N 153 
HIS HD2  H  N N 154 
HIS HE1  H  N N 155 
HIS HE2  H  N N 156 
HIS HXT  H  N N 157 
ILE N    N  N N 158 
ILE CA   C  N S 159 
ILE C    C  N N 160 
ILE O    O  N N 161 
ILE CB   C  N S 162 
ILE CG1  C  N N 163 
ILE CG2  C  N N 164 
ILE CD1  C  N N 165 
ILE OXT  O  N N 166 
ILE H    H  N N 167 
ILE H2   H  N N 168 
ILE HA   H  N N 169 
ILE HB   H  N N 170 
ILE HG12 H  N N 171 
ILE HG13 H  N N 172 
ILE HG21 H  N N 173 
ILE HG22 H  N N 174 
ILE HG23 H  N N 175 
ILE HD11 H  N N 176 
ILE HD12 H  N N 177 
ILE HD13 H  N N 178 
ILE HXT  H  N N 179 
LEU N    N  N N 180 
LEU CA   C  N S 181 
LEU C    C  N N 182 
LEU O    O  N N 183 
LEU CB   C  N N 184 
LEU CG   C  N N 185 
LEU CD1  C  N N 186 
LEU CD2  C  N N 187 
LEU OXT  O  N N 188 
LEU H    H  N N 189 
LEU H2   H  N N 190 
LEU HA   H  N N 191 
LEU HB2  H  N N 192 
LEU HB3  H  N N 193 
LEU HG   H  N N 194 
LEU HD11 H  N N 195 
LEU HD12 H  N N 196 
LEU HD13 H  N N 197 
LEU HD21 H  N N 198 
LEU HD22 H  N N 199 
LEU HD23 H  N N 200 
LEU HXT  H  N N 201 
LYS N    N  N N 202 
LYS CA   C  N S 203 
LYS C    C  N N 204 
LYS O    O  N N 205 
LYS CB   C  N N 206 
LYS CG   C  N N 207 
LYS CD   C  N N 208 
LYS CE   C  N N 209 
LYS NZ   N  N N 210 
LYS OXT  O  N N 211 
LYS H    H  N N 212 
LYS H2   H  N N 213 
LYS HA   H  N N 214 
LYS HB2  H  N N 215 
LYS HB3  H  N N 216 
LYS HG2  H  N N 217 
LYS HG3  H  N N 218 
LYS HD2  H  N N 219 
LYS HD3  H  N N 220 
LYS HE2  H  N N 221 
LYS HE3  H  N N 222 
LYS HZ1  H  N N 223 
LYS HZ2  H  N N 224 
LYS HZ3  H  N N 225 
LYS HXT  H  N N 226 
PHE N    N  N N 227 
PHE CA   C  N S 228 
PHE C    C  N N 229 
PHE O    O  N N 230 
PHE CB   C  N N 231 
PHE CG   C  Y N 232 
PHE CD1  C  Y N 233 
PHE CD2  C  Y N 234 
PHE CE1  C  Y N 235 
PHE CE2  C  Y N 236 
PHE CZ   C  Y N 237 
PHE OXT  O  N N 238 
PHE H    H  N N 239 
PHE H2   H  N N 240 
PHE HA   H  N N 241 
PHE HB2  H  N N 242 
PHE HB3  H  N N 243 
PHE HD1  H  N N 244 
PHE HD2  H  N N 245 
PHE HE1  H  N N 246 
PHE HE2  H  N N 247 
PHE HZ   H  N N 248 
PHE HXT  H  N N 249 
PRO N    N  N N 250 
PRO CA   C  N S 251 
PRO C    C  N N 252 
PRO O    O  N N 253 
PRO CB   C  N N 254 
PRO CG   C  N N 255 
PRO CD   C  N N 256 
PRO OXT  O  N N 257 
PRO H    H  N N 258 
PRO HA   H  N N 259 
PRO HB2  H  N N 260 
PRO HB3  H  N N 261 
PRO HG2  H  N N 262 
PRO HG3  H  N N 263 
PRO HD2  H  N N 264 
PRO HD3  H  N N 265 
PRO HXT  H  N N 266 
SER N    N  N N 267 
SER CA   C  N S 268 
SER C    C  N N 269 
SER O    O  N N 270 
SER CB   C  N N 271 
SER OG   O  N N 272 
SER OXT  O  N N 273 
SER H    H  N N 274 
SER H2   H  N N 275 
SER HA   H  N N 276 
SER HB2  H  N N 277 
SER HB3  H  N N 278 
SER HG   H  N N 279 
SER HXT  H  N N 280 
SF4 FE1  FE N N 281 
SF4 FE2  FE N N 282 
SF4 FE3  FE N N 283 
SF4 FE4  FE N N 284 
SF4 S1   S  N N 285 
SF4 S2   S  N N 286 
SF4 S3   S  N N 287 
SF4 S4   S  N N 288 
THR N    N  N N 289 
THR CA   C  N S 290 
THR C    C  N N 291 
THR O    O  N N 292 
THR CB   C  N R 293 
THR OG1  O  N N 294 
THR CG2  C  N N 295 
THR OXT  O  N N 296 
THR H    H  N N 297 
THR H2   H  N N 298 
THR HA   H  N N 299 
THR HB   H  N N 300 
THR HG1  H  N N 301 
THR HG21 H  N N 302 
THR HG22 H  N N 303 
THR HG23 H  N N 304 
THR HXT  H  N N 305 
TYR N    N  N N 306 
TYR CA   C  N S 307 
TYR C    C  N N 308 
TYR O    O  N N 309 
TYR CB   C  N N 310 
TYR CG   C  Y N 311 
TYR CD1  C  Y N 312 
TYR CD2  C  Y N 313 
TYR CE1  C  Y N 314 
TYR CE2  C  Y N 315 
TYR CZ   C  Y N 316 
TYR OH   O  N N 317 
TYR OXT  O  N N 318 
TYR H    H  N N 319 
TYR H2   H  N N 320 
TYR HA   H  N N 321 
TYR HB2  H  N N 322 
TYR HB3  H  N N 323 
TYR HD1  H  N N 324 
TYR HD2  H  N N 325 
TYR HE1  H  N N 326 
TYR HE2  H  N N 327 
TYR HH   H  N N 328 
TYR HXT  H  N N 329 
VAL N    N  N N 330 
VAL CA   C  N S 331 
VAL C    C  N N 332 
VAL O    O  N N 333 
VAL CB   C  N N 334 
VAL CG1  C  N N 335 
VAL CG2  C  N N 336 
VAL OXT  O  N N 337 
VAL H    H  N N 338 
VAL H2   H  N N 339 
VAL HA   H  N N 340 
VAL HB   H  N N 341 
VAL HG11 H  N N 342 
VAL HG12 H  N N 343 
VAL HG13 H  N N 344 
VAL HG21 H  N N 345 
VAL HG22 H  N N 346 
VAL HG23 H  N N 347 
VAL HXT  H  N N 348 
# 
loop_
_chem_comp_bond.comp_id 
_chem_comp_bond.atom_id_1 
_chem_comp_bond.atom_id_2 
_chem_comp_bond.value_order 
_chem_comp_bond.pdbx_aromatic_flag 
_chem_comp_bond.pdbx_stereo_config 
_chem_comp_bond.pdbx_ordinal 
ALA N   CA   sing N N 1   
ALA N   H    sing N N 2   
ALA N   H2   sing N N 3   
ALA CA  C    sing N N 4   
ALA CA  CB   sing N N 5   
ALA CA  HA   sing N N 6   
ALA C   O    doub N N 7   
ALA C   OXT  sing N N 8   
ALA CB  HB1  sing N N 9   
ALA CB  HB2  sing N N 10  
ALA CB  HB3  sing N N 11  
ALA OXT HXT  sing N N 12  
ARG N   CA   sing N N 13  
ARG N   H    sing N N 14  
ARG N   H2   sing N N 15  
ARG CA  C    sing N N 16  
ARG CA  CB   sing N N 17  
ARG CA  HA   sing N N 18  
ARG C   O    doub N N 19  
ARG C   OXT  sing N N 20  
ARG CB  CG   sing N N 21  
ARG CB  HB2  sing N N 22  
ARG CB  HB3  sing N N 23  
ARG CG  CD   sing N N 24  
ARG CG  HG2  sing N N 25  
ARG CG  HG3  sing N N 26  
ARG CD  NE   sing N N 27  
ARG CD  HD2  sing N N 28  
ARG CD  HD3  sing N N 29  
ARG NE  CZ   sing N N 30  
ARG NE  HE   sing N N 31  
ARG CZ  NH1  sing N N 32  
ARG CZ  NH2  doub N N 33  
ARG NH1 HH11 sing N N 34  
ARG NH1 HH12 sing N N 35  
ARG NH2 HH21 sing N N 36  
ARG NH2 HH22 sing N N 37  
ARG OXT HXT  sing N N 38  
ASN N   CA   sing N N 39  
ASN N   H    sing N N 40  
ASN N   H2   sing N N 41  
ASN CA  C    sing N N 42  
ASN CA  CB   sing N N 43  
ASN CA  HA   sing N N 44  
ASN C   O    doub N N 45  
ASN C   OXT  sing N N 46  
ASN CB  CG   sing N N 47  
ASN CB  HB2  sing N N 48  
ASN CB  HB3  sing N N 49  
ASN CG  OD1  doub N N 50  
ASN CG  ND2  sing N N 51  
ASN ND2 HD21 sing N N 52  
ASN ND2 HD22 sing N N 53  
ASN OXT HXT  sing N N 54  
ASP N   CA   sing N N 55  
ASP N   H    sing N N 56  
ASP N   H2   sing N N 57  
ASP CA  C    sing N N 58  
ASP CA  CB   sing N N 59  
ASP CA  HA   sing N N 60  
ASP C   O    doub N N 61  
ASP C   OXT  sing N N 62  
ASP CB  CG   sing N N 63  
ASP CB  HB2  sing N N 64  
ASP CB  HB3  sing N N 65  
ASP CG  OD1  doub N N 66  
ASP CG  OD2  sing N N 67  
ASP OD2 HD2  sing N N 68  
ASP OXT HXT  sing N N 69  
CYS N   CA   sing N N 70  
CYS N   H    sing N N 71  
CYS N   H2   sing N N 72  
CYS CA  C    sing N N 73  
CYS CA  CB   sing N N 74  
CYS CA  HA   sing N N 75  
CYS C   O    doub N N 76  
CYS C   OXT  sing N N 77  
CYS CB  SG   sing N N 78  
CYS CB  HB2  sing N N 79  
CYS CB  HB3  sing N N 80  
CYS SG  HG   sing N N 81  
CYS OXT HXT  sing N N 82  
GLN N   CA   sing N N 83  
GLN N   H    sing N N 84  
GLN N   H2   sing N N 85  
GLN CA  C    sing N N 86  
GLN CA  CB   sing N N 87  
GLN CA  HA   sing N N 88  
GLN C   O    doub N N 89  
GLN C   OXT  sing N N 90  
GLN CB  CG   sing N N 91  
GLN CB  HB2  sing N N 92  
GLN CB  HB3  sing N N 93  
GLN CG  CD   sing N N 94  
GLN CG  HG2  sing N N 95  
GLN CG  HG3  sing N N 96  
GLN CD  OE1  doub N N 97  
GLN CD  NE2  sing N N 98  
GLN NE2 HE21 sing N N 99  
GLN NE2 HE22 sing N N 100 
GLN OXT HXT  sing N N 101 
GLU N   CA   sing N N 102 
GLU N   H    sing N N 103 
GLU N   H2   sing N N 104 
GLU CA  C    sing N N 105 
GLU CA  CB   sing N N 106 
GLU CA  HA   sing N N 107 
GLU C   O    doub N N 108 
GLU C   OXT  sing N N 109 
GLU CB  CG   sing N N 110 
GLU CB  HB2  sing N N 111 
GLU CB  HB3  sing N N 112 
GLU CG  CD   sing N N 113 
GLU CG  HG2  sing N N 114 
GLU CG  HG3  sing N N 115 
GLU CD  OE1  doub N N 116 
GLU CD  OE2  sing N N 117 
GLU OE2 HE2  sing N N 118 
GLU OXT HXT  sing N N 119 
GLY N   CA   sing N N 120 
GLY N   H    sing N N 121 
GLY N   H2   sing N N 122 
GLY CA  C    sing N N 123 
GLY CA  HA2  sing N N 124 
GLY CA  HA3  sing N N 125 
GLY C   O    doub N N 126 
GLY C   OXT  sing N N 127 
GLY OXT HXT  sing N N 128 
HIS N   CA   sing N N 129 
HIS N   H    sing N N 130 
HIS N   H2   sing N N 131 
HIS CA  C    sing N N 132 
HIS CA  CB   sing N N 133 
HIS CA  HA   sing N N 134 
HIS C   O    doub N N 135 
HIS C   OXT  sing N N 136 
HIS CB  CG   sing N N 137 
HIS CB  HB2  sing N N 138 
HIS CB  HB3  sing N N 139 
HIS CG  ND1  sing Y N 140 
HIS CG  CD2  doub Y N 141 
HIS ND1 CE1  doub Y N 142 
HIS ND1 HD1  sing N N 143 
HIS CD2 NE2  sing Y N 144 
HIS CD2 HD2  sing N N 145 
HIS CE1 NE2  sing Y N 146 
HIS CE1 HE1  sing N N 147 
HIS NE2 HE2  sing N N 148 
HIS OXT HXT  sing N N 149 
ILE N   CA   sing N N 150 
ILE N   H    sing N N 151 
ILE N   H2   sing N N 152 
ILE CA  C    sing N N 153 
ILE CA  CB   sing N N 154 
ILE CA  HA   sing N N 155 
ILE C   O    doub N N 156 
ILE C   OXT  sing N N 157 
ILE CB  CG1  sing N N 158 
ILE CB  CG2  sing N N 159 
ILE CB  HB   sing N N 160 
ILE CG1 CD1  sing N N 161 
ILE CG1 HG12 sing N N 162 
ILE CG1 HG13 sing N N 163 
ILE CG2 HG21 sing N N 164 
ILE CG2 HG22 sing N N 165 
ILE CG2 HG23 sing N N 166 
ILE CD1 HD11 sing N N 167 
ILE CD1 HD12 sing N N 168 
ILE CD1 HD13 sing N N 169 
ILE OXT HXT  sing N N 170 
LEU N   CA   sing N N 171 
LEU N   H    sing N N 172 
LEU N   H2   sing N N 173 
LEU CA  C    sing N N 174 
LEU CA  CB   sing N N 175 
LEU CA  HA   sing N N 176 
LEU C   O    doub N N 177 
LEU C   OXT  sing N N 178 
LEU CB  CG   sing N N 179 
LEU CB  HB2  sing N N 180 
LEU CB  HB3  sing N N 181 
LEU CG  CD1  sing N N 182 
LEU CG  CD2  sing N N 183 
LEU CG  HG   sing N N 184 
LEU CD1 HD11 sing N N 185 
LEU CD1 HD12 sing N N 186 
LEU CD1 HD13 sing N N 187 
LEU CD2 HD21 sing N N 188 
LEU CD2 HD22 sing N N 189 
LEU CD2 HD23 sing N N 190 
LEU OXT HXT  sing N N 191 
LYS N   CA   sing N N 192 
LYS N   H    sing N N 193 
LYS N   H2   sing N N 194 
LYS CA  C    sing N N 195 
LYS CA  CB   sing N N 196 
LYS CA  HA   sing N N 197 
LYS C   O    doub N N 198 
LYS C   OXT  sing N N 199 
LYS CB  CG   sing N N 200 
LYS CB  HB2  sing N N 201 
LYS CB  HB3  sing N N 202 
LYS CG  CD   sing N N 203 
LYS CG  HG2  sing N N 204 
LYS CG  HG3  sing N N 205 
LYS CD  CE   sing N N 206 
LYS CD  HD2  sing N N 207 
LYS CD  HD3  sing N N 208 
LYS CE  NZ   sing N N 209 
LYS CE  HE2  sing N N 210 
LYS CE  HE3  sing N N 211 
LYS NZ  HZ1  sing N N 212 
LYS NZ  HZ2  sing N N 213 
LYS NZ  HZ3  sing N N 214 
LYS OXT HXT  sing N N 215 
PHE N   CA   sing N N 216 
PHE N   H    sing N N 217 
PHE N   H2   sing N N 218 
PHE CA  C    sing N N 219 
PHE CA  CB   sing N N 220 
PHE CA  HA   sing N N 221 
PHE C   O    doub N N 222 
PHE C   OXT  sing N N 223 
PHE CB  CG   sing N N 224 
PHE CB  HB2  sing N N 225 
PHE CB  HB3  sing N N 226 
PHE CG  CD1  doub Y N 227 
PHE CG  CD2  sing Y N 228 
PHE CD1 CE1  sing Y N 229 
PHE CD1 HD1  sing N N 230 
PHE CD2 CE2  doub Y N 231 
PHE CD2 HD2  sing N N 232 
PHE CE1 CZ   doub Y N 233 
PHE CE1 HE1  sing N N 234 
PHE CE2 CZ   sing Y N 235 
PHE CE2 HE2  sing N N 236 
PHE CZ  HZ   sing N N 237 
PHE OXT HXT  sing N N 238 
PRO N   CA   sing N N 239 
PRO N   CD   sing N N 240 
PRO N   H    sing N N 241 
PRO CA  C    sing N N 242 
PRO CA  CB   sing N N 243 
PRO CA  HA   sing N N 244 
PRO C   O    doub N N 245 
PRO C   OXT  sing N N 246 
PRO CB  CG   sing N N 247 
PRO CB  HB2  sing N N 248 
PRO CB  HB3  sing N N 249 
PRO CG  CD   sing N N 250 
PRO CG  HG2  sing N N 251 
PRO CG  HG3  sing N N 252 
PRO CD  HD2  sing N N 253 
PRO CD  HD3  sing N N 254 
PRO OXT HXT  sing N N 255 
SER N   CA   sing N N 256 
SER N   H    sing N N 257 
SER N   H2   sing N N 258 
SER CA  C    sing N N 259 
SER CA  CB   sing N N 260 
SER CA  HA   sing N N 261 
SER C   O    doub N N 262 
SER C   OXT  sing N N 263 
SER CB  OG   sing N N 264 
SER CB  HB2  sing N N 265 
SER CB  HB3  sing N N 266 
SER OG  HG   sing N N 267 
SER OXT HXT  sing N N 268 
SF4 FE1 S2   sing N N 269 
SF4 FE1 S3   sing N N 270 
SF4 FE1 S4   sing N N 271 
SF4 FE2 S1   sing N N 272 
SF4 FE2 S3   sing N N 273 
SF4 FE2 S4   sing N N 274 
SF4 FE3 S1   sing N N 275 
SF4 FE3 S2   sing N N 276 
SF4 FE3 S4   sing N N 277 
SF4 FE4 S1   sing N N 278 
SF4 FE4 S2   sing N N 279 
SF4 FE4 S3   sing N N 280 
THR N   CA   sing N N 281 
THR N   H    sing N N 282 
THR N   H2   sing N N 283 
THR CA  C    sing N N 284 
THR CA  CB   sing N N 285 
THR CA  HA   sing N N 286 
THR C   O    doub N N 287 
THR C   OXT  sing N N 288 
THR CB  OG1  sing N N 289 
THR CB  CG2  sing N N 290 
THR CB  HB   sing N N 291 
THR OG1 HG1  sing N N 292 
THR CG2 HG21 sing N N 293 
THR CG2 HG22 sing N N 294 
THR CG2 HG23 sing N N 295 
THR OXT HXT  sing N N 296 
TYR N   CA   sing N N 297 
TYR N   H    sing N N 298 
TYR N   H2   sing N N 299 
TYR CA  C    sing N N 300 
TYR CA  CB   sing N N 301 
TYR CA  HA   sing N N 302 
TYR C   O    doub N N 303 
TYR C   OXT  sing N N 304 
TYR CB  CG   sing N N 305 
TYR CB  HB2  sing N N 306 
TYR CB  HB3  sing N N 307 
TYR CG  CD1  doub Y N 308 
TYR CG  CD2  sing Y N 309 
TYR CD1 CE1  sing Y N 310 
TYR CD1 HD1  sing N N 311 
TYR CD2 CE2  doub Y N 312 
TYR CD2 HD2  sing N N 313 
TYR CE1 CZ   doub Y N 314 
TYR CE1 HE1  sing N N 315 
TYR CE2 CZ   sing Y N 316 
TYR CE2 HE2  sing N N 317 
TYR CZ  OH   sing N N 318 
TYR OH  HH   sing N N 319 
TYR OXT HXT  sing N N 320 
VAL N   CA   sing N N 321 
VAL N   H    sing N N 322 
VAL N   H2   sing N N 323 
VAL CA  C    sing N N 324 
VAL CA  CB   sing N N 325 
VAL CA  HA   sing N N 326 
VAL C   O    doub N N 327 
VAL C   OXT  sing N N 328 
VAL CB  CG1  sing N N 329 
VAL CB  CG2  sing N N 330 
VAL CB  HB   sing N N 331 
VAL CG1 HG11 sing N N 332 
VAL CG1 HG12 sing N N 333 
VAL CG1 HG13 sing N N 334 
VAL CG2 HG21 sing N N 335 
VAL CG2 HG22 sing N N 336 
VAL CG2 HG23 sing N N 337 
VAL OXT HXT  sing N N 338 
# 
_pdbx_entity_nonpoly.entity_id   2 
_pdbx_entity_nonpoly.name        'IRON/SULFUR CLUSTER' 
_pdbx_entity_nonpoly.comp_id     SF4 
# 
_pdbx_initial_refinement_model.id               1 
_pdbx_initial_refinement_model.entity_id_list   ? 
_pdbx_initial_refinement_model.type             'experimental model' 
_pdbx_initial_refinement_model.source_name      PDB 
_pdbx_initial_refinement_model.accession_code   1BLU 
_pdbx_initial_refinement_model.details          'Ferredoxin from Allochromatium vinosum  (PDB 1BLU)' 
# 
